data_9EJS
#
_entry.id   9EJS
#
_cell.length_a   106.632
_cell.length_b   44.135
_cell.length_c   108.002
_cell.angle_alpha   90.000
_cell.angle_beta   117.612
_cell.angle_gamma   90.000
#
_symmetry.space_group_name_H-M   'P 1 21 1'
#
loop_
_entity.id
_entity.type
_entity.pdbx_description
1 polymer 'Tyrosine-protein kinase BTK'
2 non-polymer 4-{4-amino-1-[(3R)-1-(cyclopropanecarbonyl)piperidin-3-yl]-1H-pyrazolo[3,4-d]pyrimidin-3-yl}-N-(4-cyclopropylpyridin-2-yl)benzamide
3 non-polymer 'DIMETHYL SULFOXIDE'
4 water water
#
_entity_poly.entity_id   1
_entity_poly.type   'polypeptide(L)'
_entity_poly.pdbx_seq_one_letter_code
;MEIDPKDLTFLKELGTGQFGVVKYGKWRGQYDVAIRMIREGSMSEDEFIEEAKVMMNLSHEKLVQLYGVCTKQRPIFIIT
EYMANGCLLNYLREMRHRFQTQQLLEMCKDVCEAMEYLESKQFLHRDLAARNCLVNDQGVVKVSDFGMTRYVLDDEYTSS
TGSKFPVKWASPEVLMYSKFSSKSDIWAFGVLMWEIYSLGKMPYERFTNSETAEHIAQGLRLPRPHLASERVYTIMYSCW
HEKADERPSFKILLSNILDVMDEESHHHHHH
;
_entity_poly.pdbx_strand_id   A,B,C
#
loop_
_chem_comp.id
_chem_comp.type
_chem_comp.name
_chem_comp.formula
A1BI0 non-polymer 4-{4-amino-1-[(3R)-1-(cyclopropanecarbonyl)piperidin-3-yl]-1H-pyrazolo[3,4-d]pyrimidin-3-yl}-N-(4-cyclopropylpyridin-2-yl)benzamide 'C29 H30 N8 O2'
DMS non-polymer 'DIMETHYL SULFOXIDE' 'C2 H6 O S'
#
# COMPACT_ATOMS: atom_id res chain seq x y z
N MET A 1 16.06 5.15 19.93
CA MET A 1 15.33 5.14 21.19
C MET A 1 14.01 5.87 21.02
N GLU A 2 13.02 5.53 21.86
CA GLU A 2 11.74 6.21 21.80
C GLU A 2 11.91 7.71 22.04
N ILE A 3 11.08 8.50 21.38
CA ILE A 3 11.10 9.95 21.51
C ILE A 3 9.69 10.41 21.83
N ASP A 4 9.57 11.26 22.85
CA ASP A 4 8.30 11.91 23.15
C ASP A 4 8.13 13.10 22.20
N PRO A 5 7.09 13.12 21.35
CA PRO A 5 6.92 14.26 20.43
C PRO A 5 6.94 15.60 21.15
N LYS A 6 6.69 15.57 22.45
CA LYS A 6 6.85 16.76 23.28
C LYS A 6 8.22 17.40 23.03
N ASP A 7 9.24 16.58 22.79
CA ASP A 7 10.60 17.05 22.53
C ASP A 7 10.87 17.26 21.04
N LEU A 8 9.83 17.39 20.23
CA LEU A 8 9.97 17.65 18.80
C LEU A 8 9.19 18.91 18.44
N THR A 9 9.59 19.52 17.33
CA THR A 9 8.86 20.65 16.75
C THR A 9 8.72 20.42 15.26
N PHE A 10 7.52 20.66 14.73
CA PHE A 10 7.27 20.61 13.30
C PHE A 10 7.38 22.02 12.75
N LEU A 11 8.33 22.25 11.85
CA LEU A 11 8.62 23.59 11.35
C LEU A 11 8.36 23.77 9.87
N LYS A 12 8.40 22.71 9.06
CA LYS A 12 8.26 22.87 7.62
C LYS A 12 7.92 21.53 7.00
N GLU A 13 7.23 21.59 5.87
CA GLU A 13 6.91 20.41 5.07
C GLU A 13 7.96 20.24 3.99
N LEU A 14 8.56 19.05 3.92
CA LEU A 14 9.57 18.75 2.92
C LEU A 14 9.02 17.96 1.73
N GLY A 15 7.84 17.39 1.86
CA GLY A 15 7.23 16.62 0.78
C GLY A 15 7.01 15.17 1.18
N THR A 16 6.25 14.48 0.33
CA THR A 16 5.94 13.07 0.54
C THR A 16 6.98 12.23 -0.20
N GLY A 17 7.60 11.30 0.52
CA GLY A 17 8.57 10.40 -0.07
C GLY A 17 7.97 9.03 -0.34
N GLN A 18 8.87 8.08 -0.59
CA GLN A 18 8.44 6.71 -0.88
C GLN A 18 7.66 6.12 0.28
N PHE A 19 7.94 6.54 1.51
CA PHE A 19 7.39 5.92 2.71
C PHE A 19 6.59 6.90 3.56
N GLY A 20 6.11 7.99 2.98
CA GLY A 20 5.22 8.90 3.65
C GLY A 20 5.76 10.31 3.73
N VAL A 21 4.95 11.19 4.34
CA VAL A 21 5.30 12.60 4.44
C VAL A 21 6.53 12.75 5.33
N VAL A 22 7.30 13.79 5.06
CA VAL A 22 8.46 14.15 5.87
C VAL A 22 8.41 15.65 6.14
N LYS A 23 8.80 16.03 7.36
CA LYS A 23 8.80 17.42 7.77
C LYS A 23 10.14 17.77 8.42
N TYR A 24 10.53 19.03 8.31
CA TYR A 24 11.71 19.53 8.98
C TYR A 24 11.33 20.05 10.35
N GLY A 25 12.22 19.84 11.32
CA GLY A 25 11.96 20.29 12.67
C GLY A 25 13.22 20.25 13.50
N LYS A 26 13.03 20.38 14.80
CA LYS A 26 14.12 20.35 15.76
C LYS A 26 13.83 19.30 16.81
N TRP A 27 14.82 18.49 17.14
CA TRP A 27 14.73 17.51 18.21
C TRP A 27 15.55 18.00 19.38
N ARG A 28 14.93 18.05 20.56
CA ARG A 28 15.62 18.48 21.78
C ARG A 28 16.30 19.84 21.58
N GLY A 29 15.76 20.65 20.67
CA GLY A 29 16.29 21.99 20.44
C GLY A 29 17.50 22.11 19.54
N GLN A 30 18.54 21.30 19.79
CA GLN A 30 19.82 21.46 19.13
C GLN A 30 20.00 20.57 17.91
N TYR A 31 19.08 19.66 17.64
CA TYR A 31 19.20 18.69 16.55
C TYR A 31 18.25 19.08 15.42
N ASP A 32 18.82 19.53 14.31
CA ASP A 32 18.06 19.62 13.06
C ASP A 32 17.72 18.20 12.61
N VAL A 33 16.44 17.92 12.40
CA VAL A 33 16.00 16.57 12.09
C VAL A 33 14.90 16.60 11.03
N ALA A 34 14.73 15.46 10.36
CA ALA A 34 13.65 15.24 9.41
C ALA A 34 12.77 14.12 9.94
N ILE A 35 11.50 14.42 10.17
CA ILE A 35 10.56 13.48 10.77
C ILE A 35 9.71 12.88 9.66
N ARG A 36 9.80 11.57 9.49
CA ARG A 36 8.98 10.86 8.52
C ARG A 36 7.81 10.19 9.25
N MET A 37 6.61 10.40 8.73
CA MET A 37 5.42 9.69 9.21
C MET A 37 5.19 8.51 8.26
N ILE A 38 5.46 7.31 8.77
CA ILE A 38 5.34 6.11 7.94
C ILE A 38 3.91 6.00 7.42
N ARG A 39 3.77 5.99 6.10
CA ARG A 39 2.46 5.81 5.49
CA ARG A 39 2.46 5.81 5.49
C ARG A 39 1.76 4.59 6.07
N GLU A 40 0.54 4.80 6.58
CA GLU A 40 -0.21 3.71 7.15
C GLU A 40 -0.62 2.71 6.07
N GLY A 41 -0.63 1.44 6.43
CA GLY A 41 -0.99 0.38 5.50
C GLY A 41 0.11 -0.04 4.55
N SER A 42 1.30 0.54 4.65
CA SER A 42 2.39 0.24 3.72
C SER A 42 3.39 -0.75 4.27
N MET A 43 3.57 -0.82 5.59
CA MET A 43 4.66 -1.58 6.19
C MET A 43 4.12 -2.68 7.10
N SER A 44 4.90 -3.77 7.19
CA SER A 44 4.72 -4.76 8.23
C SER A 44 5.26 -4.18 9.53
N GLU A 45 4.38 -3.56 10.33
CA GLU A 45 4.83 -2.67 11.38
C GLU A 45 5.59 -3.41 12.47
N ASP A 46 5.01 -4.46 13.03
CA ASP A 46 5.68 -5.16 14.13
C ASP A 46 7.08 -5.60 13.72
N GLU A 47 7.18 -6.32 12.60
CA GLU A 47 8.50 -6.69 12.07
C GLU A 47 9.37 -5.45 11.87
N PHE A 48 8.78 -4.39 11.30
CA PHE A 48 9.54 -3.18 11.01
C PHE A 48 9.98 -2.48 12.28
N ILE A 49 9.08 -2.37 13.27
CA ILE A 49 9.42 -1.73 14.53
C ILE A 49 10.56 -2.46 15.22
N GLU A 50 10.44 -3.78 15.34
CA GLU A 50 11.49 -4.56 16.00
C GLU A 50 12.81 -4.42 15.27
N GLU A 51 12.78 -4.37 13.93
CA GLU A 51 14.02 -4.24 13.17
C GLU A 51 14.60 -2.84 13.28
N ALA A 52 13.76 -1.82 13.46
CA ALA A 52 14.27 -0.47 13.68
C ALA A 52 15.25 -0.42 14.84
N LYS A 53 15.01 -1.24 15.87
CA LYS A 53 15.93 -1.29 17.00
C LYS A 53 17.29 -1.83 16.58
N VAL A 54 17.33 -2.69 15.57
CA VAL A 54 18.61 -3.19 15.07
C VAL A 54 19.32 -2.12 14.24
N MET A 55 18.59 -1.48 13.33
CA MET A 55 19.18 -0.44 12.50
C MET A 55 19.55 0.81 13.28
N MET A 56 19.11 0.92 14.53
CA MET A 56 19.48 2.06 15.36
C MET A 56 20.96 2.00 15.73
N ASN A 57 21.49 0.81 15.94
CA ASN A 57 22.89 0.63 16.31
C ASN A 57 23.85 0.83 15.14
N LEU A 58 23.34 1.02 13.92
CA LEU A 58 24.19 1.35 12.79
C LEU A 58 24.52 2.83 12.82
N SER A 59 25.80 3.15 12.91
CA SER A 59 26.27 4.53 12.94
C SER A 59 27.47 4.68 12.01
N HIS A 60 27.47 5.76 11.23
CA HIS A 60 28.57 6.09 10.35
C HIS A 60 28.37 7.50 9.84
N GLU A 61 29.47 8.22 9.67
CA GLU A 61 29.37 9.62 9.24
C GLU A 61 28.60 9.74 7.93
N LYS A 62 28.76 8.76 7.04
CA LYS A 62 28.13 8.81 5.73
C LYS A 62 26.81 8.04 5.68
N LEU A 63 26.23 7.75 6.85
CA LEU A 63 24.88 7.21 6.95
C LEU A 63 24.00 8.25 7.62
N VAL A 64 22.83 8.51 7.03
CA VAL A 64 21.89 9.46 7.60
C VAL A 64 21.55 8.98 9.00
N GLN A 65 22.07 9.69 10.01
CA GLN A 65 21.98 9.21 11.39
C GLN A 65 20.53 9.16 11.85
N LEU A 66 20.17 8.06 12.50
CA LEU A 66 18.85 7.87 13.08
C LEU A 66 18.92 8.20 14.57
N TYR A 67 18.00 9.05 15.02
CA TYR A 67 18.01 9.52 16.40
C TYR A 67 16.99 8.82 17.27
N GLY A 68 15.89 8.34 16.70
CA GLY A 68 14.88 7.67 17.49
C GLY A 68 13.60 7.52 16.68
N VAL A 69 12.55 7.09 17.37
CA VAL A 69 11.26 6.83 16.75
C VAL A 69 10.15 7.10 17.76
N CYS A 70 8.96 7.36 17.24
CA CYS A 70 7.74 7.45 18.04
C CYS A 70 6.79 6.37 17.52
N THR A 71 6.65 5.28 18.29
CA THR A 71 5.92 4.10 17.82
C THR A 71 4.66 3.81 18.61
N LYS A 72 4.45 4.41 19.78
CA LYS A 72 3.25 4.16 20.56
C LYS A 72 2.07 5.00 20.07
N GLN A 73 2.16 5.54 18.87
CA GLN A 73 1.02 6.07 18.15
C GLN A 73 1.20 5.71 16.68
N ARG A 74 0.13 5.87 15.91
CA ARG A 74 0.23 5.72 14.47
C ARG A 74 -0.26 7.00 13.80
N PRO A 75 0.42 7.48 12.75
CA PRO A 75 1.56 6.87 12.05
C PRO A 75 2.85 6.93 12.85
N ILE A 76 3.71 5.93 12.66
CA ILE A 76 5.02 5.94 13.29
C ILE A 76 5.80 7.17 12.80
N PHE A 77 6.54 7.78 13.72
CA PHE A 77 7.47 8.85 13.38
C PHE A 77 8.88 8.26 13.33
N ILE A 78 9.68 8.72 12.37
CA ILE A 78 11.08 8.37 12.27
C ILE A 78 11.88 9.67 12.27
N ILE A 79 12.79 9.82 13.22
CA ILE A 79 13.55 11.04 13.40
C ILE A 79 14.96 10.79 12.89
N THR A 80 15.37 11.56 11.88
CA THR A 80 16.64 11.35 11.21
C THR A 80 17.41 12.67 11.10
N GLU A 81 18.72 12.53 10.97
CA GLU A 81 19.57 13.67 10.66
C GLU A 81 18.99 14.44 9.49
N TYR A 82 18.97 15.77 9.61
CA TYR A 82 18.41 16.61 8.56
C TYR A 82 19.45 16.84 7.47
N MET A 83 19.10 16.50 6.23
CA MET A 83 19.95 16.67 5.07
C MET A 83 19.37 17.83 4.26
N ALA A 84 19.99 19.02 4.40
CA ALA A 84 19.35 20.24 3.93
C ALA A 84 19.15 20.27 2.42
N ASN A 85 20.06 19.68 1.65
CA ASN A 85 19.99 19.74 0.20
C ASN A 85 19.13 18.62 -0.40
N GLY A 86 18.44 17.85 0.43
CA GLY A 86 17.47 16.90 -0.07
C GLY A 86 18.09 15.76 -0.86
N CYS A 87 17.22 15.04 -1.57
CA CYS A 87 17.60 13.89 -2.38
C CYS A 87 18.78 14.19 -3.29
N LEU A 88 19.68 13.21 -3.42
CA LEU A 88 20.83 13.35 -4.31
C LEU A 88 20.41 13.41 -5.76
N LEU A 89 19.33 12.70 -6.13
CA LEU A 89 18.88 12.72 -7.52
C LEU A 89 18.50 14.13 -7.94
N ASN A 90 17.74 14.84 -7.09
CA ASN A 90 17.29 16.18 -7.45
C ASN A 90 18.39 17.22 -7.24
N TYR A 91 19.24 17.02 -6.24
CA TYR A 91 20.39 17.90 -6.06
C TYR A 91 21.26 17.92 -7.31
N LEU A 92 21.44 16.76 -7.93
CA LEU A 92 22.29 16.67 -9.11
C LEU A 92 21.72 17.46 -10.27
N ARG A 93 20.39 17.41 -10.46
CA ARG A 93 19.78 18.01 -11.64
C ARG A 93 19.73 19.52 -11.54
N GLU A 94 19.38 20.05 -10.36
CA GLU A 94 19.26 21.49 -10.22
C GLU A 94 20.61 22.19 -10.30
N MET A 95 21.68 21.53 -9.86
CA MET A 95 23.01 22.13 -9.88
C MET A 95 23.90 21.44 -10.91
N ARG A 96 23.39 21.23 -12.13
CA ARG A 96 24.15 20.50 -13.14
C ARG A 96 25.43 21.25 -13.51
N HIS A 97 25.36 22.57 -13.64
CA HIS A 97 26.47 23.39 -14.10
C HIS A 97 27.35 23.90 -12.95
N ARG A 98 27.24 23.31 -11.77
CA ARG A 98 28.02 23.75 -10.61
C ARG A 98 28.93 22.65 -10.09
N PHE A 99 29.12 21.57 -10.84
CA PHE A 99 29.87 20.40 -10.40
C PHE A 99 31.09 20.21 -11.28
N GLN A 100 32.28 20.25 -10.67
CA GLN A 100 33.49 19.79 -11.31
C GLN A 100 33.67 18.30 -11.02
N THR A 101 34.28 17.59 -11.97
CA THR A 101 34.43 16.14 -11.83
C THR A 101 35.07 15.74 -10.50
N GLN A 102 35.82 16.65 -9.86
CA GLN A 102 36.38 16.36 -8.54
C GLN A 102 35.28 16.23 -7.50
N GLN A 103 34.24 17.07 -7.60
CA GLN A 103 33.14 16.98 -6.66
C GLN A 103 32.31 15.73 -6.91
N LEU A 104 32.19 15.31 -8.17
CA LEU A 104 31.40 14.12 -8.51
C LEU A 104 32.05 12.86 -7.92
N LEU A 105 33.35 12.69 -8.14
CA LEU A 105 34.04 11.55 -7.58
C LEU A 105 33.92 11.53 -6.05
N GLU A 106 34.02 12.71 -5.43
CA GLU A 106 33.77 12.81 -4.00
C GLU A 106 32.42 12.21 -3.62
N MET A 107 31.38 12.56 -4.37
CA MET A 107 30.04 12.03 -4.06
C MET A 107 30.03 10.52 -4.14
N CYS A 108 30.87 9.93 -4.99
CA CYS A 108 30.95 8.47 -5.07
C CYS A 108 31.70 7.91 -3.87
N LYS A 109 32.76 8.59 -3.44
CA LYS A 109 33.48 8.16 -2.25
C LYS A 109 32.57 8.18 -1.02
N ASP A 110 31.74 9.22 -0.90
CA ASP A 110 30.83 9.30 0.24
C ASP A 110 29.93 8.07 0.31
N VAL A 111 29.26 7.75 -0.80
CA VAL A 111 28.33 6.63 -0.80
C VAL A 111 29.08 5.32 -0.57
N CYS A 112 30.20 5.13 -1.28
CA CYS A 112 30.95 3.89 -1.15
C CYS A 112 31.41 3.65 0.29
N GLU A 113 31.85 4.71 0.98
CA GLU A 113 32.23 4.57 2.38
C GLU A 113 31.06 4.10 3.21
N ALA A 114 29.89 4.72 3.03
CA ALA A 114 28.71 4.30 3.77
C ALA A 114 28.34 2.86 3.44
N MET A 115 28.50 2.46 2.17
CA MET A 115 28.20 1.09 1.77
C MET A 115 29.28 0.13 2.21
N GLU A 116 30.49 0.62 2.46
CA GLU A 116 31.55 -0.25 2.96
C GLU A 116 31.34 -0.54 4.45
N TYR A 117 30.77 0.42 5.18
CA TYR A 117 30.41 0.17 6.57
C TYR A 117 29.25 -0.82 6.65
N LEU A 118 28.24 -0.66 5.79
CA LEU A 118 27.14 -1.62 5.75
C LEU A 118 27.61 -3.00 5.32
N GLU A 119 28.58 -3.06 4.40
CA GLU A 119 29.14 -4.36 4.02
C GLU A 119 29.76 -5.04 5.22
N SER A 120 30.53 -4.31 6.03
CA SER A 120 31.22 -4.91 7.15
C SER A 120 30.27 -5.35 8.25
N LYS A 121 29.07 -4.77 8.32
CA LYS A 121 28.05 -5.22 9.26
C LYS A 121 27.15 -6.31 8.68
N GLN A 122 27.49 -6.82 7.49
CA GLN A 122 26.66 -7.80 6.79
C GLN A 122 25.22 -7.31 6.65
N PHE A 123 25.07 -6.01 6.41
CA PHE A 123 23.77 -5.38 6.26
C PHE A 123 23.59 -4.94 4.82
N LEU A 124 22.50 -5.37 4.20
CA LEU A 124 22.22 -5.08 2.81
C LEU A 124 21.26 -3.90 2.68
N HIS A 125 21.43 -3.15 1.58
CA HIS A 125 20.52 -2.05 1.30
C HIS A 125 19.27 -2.53 0.59
N ARG A 126 19.44 -3.20 -0.55
CA ARG A 126 18.42 -3.85 -1.37
C ARG A 126 17.76 -2.87 -2.34
N ASP A 127 18.05 -1.58 -2.26
CA ASP A 127 17.45 -0.60 -3.17
C ASP A 127 18.35 0.63 -3.25
N LEU A 128 19.65 0.41 -3.40
CA LEU A 128 20.58 1.53 -3.49
C LEU A 128 20.36 2.27 -4.80
N ALA A 129 20.06 3.56 -4.70
CA ALA A 129 19.88 4.40 -5.88
C ALA A 129 20.02 5.86 -5.44
N ALA A 130 20.19 6.74 -6.43
CA ALA A 130 20.35 8.15 -6.11
C ALA A 130 19.12 8.71 -5.41
N ARG A 131 17.95 8.15 -5.69
CA ARG A 131 16.73 8.64 -5.04
C ARG A 131 16.71 8.32 -3.56
N ASN A 132 17.60 7.45 -3.07
CA ASN A 132 17.66 7.10 -1.66
C ASN A 132 18.85 7.73 -0.96
N CYS A 133 19.66 8.52 -1.65
CA CYS A 133 20.77 9.23 -1.06
C CYS A 133 20.39 10.70 -0.87
N LEU A 134 20.90 11.29 0.21
CA LEU A 134 20.60 12.68 0.56
C LEU A 134 21.89 13.46 0.69
N VAL A 135 21.76 14.79 0.64
CA VAL A 135 22.89 15.72 0.69
C VAL A 135 22.61 16.73 1.79
N ASN A 136 23.61 16.99 2.63
CA ASN A 136 23.46 17.94 3.73
C ASN A 136 23.86 19.34 3.26
N ASP A 137 23.98 20.27 4.19
CA ASP A 137 24.27 21.66 3.82
C ASP A 137 25.71 21.85 3.36
N GLN A 138 26.62 20.95 3.74
CA GLN A 138 28.01 21.03 3.30
C GLN A 138 28.31 20.14 2.10
N GLY A 139 27.29 19.80 1.31
CA GLY A 139 27.49 19.05 0.08
C GLY A 139 27.87 17.60 0.26
N VAL A 140 27.88 17.09 1.50
CA VAL A 140 28.24 15.70 1.74
C VAL A 140 27.04 14.82 1.46
N VAL A 141 27.29 13.67 0.83
CA VAL A 141 26.25 12.72 0.47
C VAL A 141 26.23 11.60 1.50
N LYS A 142 25.03 11.12 1.83
CA LYS A 142 24.87 10.04 2.80
C LYS A 142 23.75 9.13 2.35
N VAL A 143 23.88 7.85 2.68
CA VAL A 143 22.94 6.82 2.26
C VAL A 143 21.82 6.75 3.29
N SER A 144 20.62 6.36 2.84
CA SER A 144 19.50 6.22 3.73
C SER A 144 18.51 5.21 3.14
N ASP A 145 17.48 4.89 3.94
CA ASP A 145 16.44 3.94 3.54
C ASP A 145 17.02 2.57 3.20
N PHE A 146 18.04 2.16 3.96
CA PHE A 146 18.64 0.85 3.76
C PHE A 146 17.82 -0.22 4.48
N GLY A 147 17.61 -1.34 3.79
CA GLY A 147 16.81 -2.42 4.35
C GLY A 147 15.33 -2.13 4.46
N MET A 148 14.86 -0.98 3.97
CA MET A 148 13.47 -0.61 4.15
C MET A 148 12.53 -1.48 3.32
N THR A 149 13.01 -2.04 2.21
CA THR A 149 12.13 -2.77 1.31
C THR A 149 11.73 -4.14 1.85
N ARG A 150 12.39 -4.62 2.91
CA ARG A 150 12.04 -5.92 3.46
C ARG A 150 10.65 -5.95 4.06
N TYR A 151 10.11 -4.79 4.42
CA TYR A 151 8.86 -4.71 5.17
C TYR A 151 7.76 -4.01 4.39
N VAL A 152 7.88 -3.95 3.07
CA VAL A 152 6.85 -3.37 2.22
C VAL A 152 5.81 -4.45 1.91
N LEU A 153 4.53 -4.10 2.08
CA LEU A 153 3.47 -5.07 1.83
C LEU A 153 3.14 -5.20 0.35
N ASP A 154 3.24 -4.11 -0.41
CA ASP A 154 2.95 -4.13 -1.84
C ASP A 154 3.89 -5.09 -2.55
N ASP A 155 3.33 -6.14 -3.15
CA ASP A 155 4.15 -7.11 -3.87
C ASP A 155 4.73 -6.54 -5.15
N GLU A 156 4.20 -5.42 -5.65
CA GLU A 156 4.80 -4.77 -6.80
C GLU A 156 6.17 -4.22 -6.47
N TYR A 157 6.36 -3.73 -5.24
CA TYR A 157 7.65 -3.20 -4.80
C TYR A 157 8.65 -4.30 -4.51
N THR A 158 8.21 -5.55 -4.36
CA THR A 158 9.08 -6.64 -3.90
C THR A 158 9.35 -7.69 -4.95
N SER A 159 8.36 -8.04 -5.78
CA SER A 159 8.56 -9.09 -6.76
C SER A 159 9.47 -8.62 -7.89
N SER A 160 10.13 -9.58 -8.54
CA SER A 160 11.07 -9.26 -9.60
C SER A 160 10.38 -8.58 -10.78
N THR A 161 9.15 -8.98 -11.07
CA THR A 161 8.40 -8.41 -12.18
C THR A 161 7.39 -7.37 -11.73
N GLY A 162 7.39 -7.01 -10.45
CA GLY A 162 6.46 -6.00 -9.98
C GLY A 162 6.61 -4.71 -10.73
N SER A 163 5.48 -4.01 -10.93
CA SER A 163 5.51 -2.74 -11.63
C SER A 163 6.36 -1.70 -10.93
N LYS A 164 6.66 -1.90 -9.64
CA LYS A 164 7.43 -0.94 -8.86
C LYS A 164 8.83 -1.43 -8.52
N PHE A 165 9.24 -2.59 -9.04
CA PHE A 165 10.55 -3.12 -8.69
C PHE A 165 11.65 -2.30 -9.39
N PRO A 166 12.75 -1.98 -8.69
CA PRO A 166 13.83 -1.17 -9.30
C PRO A 166 14.71 -1.99 -10.25
N VAL A 167 14.13 -2.42 -11.37
CA VAL A 167 14.86 -3.25 -12.32
C VAL A 167 16.12 -2.56 -12.80
N LYS A 168 16.05 -1.24 -12.98
CA LYS A 168 17.15 -0.52 -13.61
C LYS A 168 18.37 -0.42 -12.71
N TRP A 169 18.26 -0.83 -11.45
CA TRP A 169 19.40 -0.88 -10.53
C TRP A 169 19.75 -2.30 -10.12
N ALA A 170 19.09 -3.31 -10.68
CA ALA A 170 19.17 -4.67 -10.19
C ALA A 170 20.20 -5.48 -10.97
N SER A 171 20.88 -6.37 -10.27
CA SER A 171 21.81 -7.30 -10.90
C SER A 171 21.04 -8.47 -11.51
N PRO A 172 21.67 -9.20 -12.44
CA PRO A 172 20.97 -10.33 -13.08
C PRO A 172 20.47 -11.36 -12.08
N GLU A 173 21.23 -11.60 -11.00
CA GLU A 173 20.82 -12.61 -10.03
C GLU A 173 19.67 -12.12 -9.16
N VAL A 174 19.44 -10.82 -9.09
CA VAL A 174 18.27 -10.32 -8.37
C VAL A 174 17.03 -10.43 -9.24
N LEU A 175 17.18 -10.26 -10.55
CA LEU A 175 16.03 -10.30 -11.45
C LEU A 175 15.54 -11.72 -11.68
N MET A 176 16.46 -12.68 -11.76
CA MET A 176 16.11 -14.06 -12.12
C MET A 176 15.91 -14.97 -10.93
N TYR A 177 16.62 -14.74 -9.81
CA TYR A 177 16.51 -15.59 -8.63
C TYR A 177 16.16 -14.83 -7.35
N SER A 178 16.17 -13.49 -7.37
CA SER A 178 15.97 -12.70 -6.16
C SER A 178 17.05 -13.00 -5.11
N LYS A 179 18.29 -13.18 -5.56
CA LYS A 179 19.41 -13.43 -4.66
C LYS A 179 20.07 -12.10 -4.33
N PHE A 180 19.69 -11.52 -3.19
CA PHE A 180 20.25 -10.27 -2.73
C PHE A 180 21.53 -10.52 -1.95
N SER A 181 22.58 -9.77 -2.28
CA SER A 181 23.84 -9.86 -1.55
C SER A 181 24.51 -8.50 -1.62
N SER A 182 25.61 -8.36 -0.88
CA SER A 182 26.42 -7.15 -1.02
C SER A 182 26.89 -6.97 -2.45
N LYS A 183 27.00 -8.07 -3.20
CA LYS A 183 27.37 -7.97 -4.61
C LYS A 183 26.25 -7.34 -5.43
N SER A 184 24.98 -7.59 -5.07
CA SER A 184 23.89 -6.91 -5.75
C SER A 184 23.85 -5.43 -5.38
N ASP A 185 24.21 -5.08 -4.13
CA ASP A 185 24.37 -3.68 -3.77
C ASP A 185 25.51 -3.04 -4.53
N ILE A 186 26.50 -3.84 -4.93
CA ILE A 186 27.62 -3.30 -5.69
C ILE A 186 27.18 -2.96 -7.11
N TRP A 187 26.50 -3.90 -7.78
CA TRP A 187 25.89 -3.59 -9.07
C TRP A 187 25.10 -2.29 -8.97
N ALA A 188 24.24 -2.19 -7.95
CA ALA A 188 23.43 -0.99 -7.77
C ALA A 188 24.30 0.25 -7.59
N PHE A 189 25.41 0.11 -6.86
CA PHE A 189 26.31 1.24 -6.70
C PHE A 189 26.90 1.67 -8.03
N GLY A 190 27.26 0.71 -8.88
CA GLY A 190 27.71 1.05 -10.22
C GLY A 190 26.70 1.94 -10.94
N VAL A 191 25.44 1.52 -10.94
CA VAL A 191 24.39 2.33 -11.55
C VAL A 191 24.33 3.69 -10.89
N LEU A 192 24.49 3.73 -9.57
CA LEU A 192 24.44 5.01 -8.86
C LEU A 192 25.55 5.94 -9.33
N MET A 193 26.78 5.41 -9.42
CA MET A 193 27.87 6.21 -9.98
C MET A 193 27.48 6.77 -11.34
N TRP A 194 26.84 5.97 -12.18
CA TRP A 194 26.42 6.45 -13.49
C TRP A 194 25.39 7.57 -13.36
N GLU A 195 24.46 7.43 -12.40
CA GLU A 195 23.54 8.52 -12.12
C GLU A 195 24.28 9.80 -11.77
N ILE A 196 25.28 9.69 -10.87
CA ILE A 196 26.00 10.88 -10.41
C ILE A 196 26.71 11.56 -11.56
N TYR A 197 27.54 10.81 -12.30
CA TYR A 197 28.30 11.42 -13.38
C TYR A 197 27.41 11.85 -14.54
N SER A 198 26.22 11.25 -14.67
CA SER A 198 25.26 11.69 -15.67
C SER A 198 24.47 12.92 -15.23
N LEU A 199 24.67 13.38 -13.99
CA LEU A 199 23.95 14.53 -13.45
C LEU A 199 22.44 14.25 -13.36
N GLY A 200 22.08 13.01 -13.05
CA GLY A 200 20.72 12.66 -12.72
C GLY A 200 19.86 12.11 -13.84
N LYS A 201 20.45 11.67 -14.94
CA LYS A 201 19.66 11.08 -16.01
C LYS A 201 19.10 9.72 -15.57
N MET A 202 17.91 9.41 -16.04
CA MET A 202 17.31 8.11 -15.75
C MET A 202 18.13 7.02 -16.46
N PRO A 203 18.70 6.06 -15.74
CA PRO A 203 19.37 4.96 -16.43
C PRO A 203 18.39 4.20 -17.31
N TYR A 204 18.84 3.83 -18.50
CA TYR A 204 18.01 3.15 -19.50
C TYR A 204 16.65 3.84 -19.62
N GLU A 205 16.67 5.16 -19.76
CA GLU A 205 15.42 5.92 -19.75
C GLU A 205 14.42 5.36 -20.75
N ARG A 206 14.88 5.00 -21.94
CA ARG A 206 14.01 4.60 -23.04
C ARG A 206 13.91 3.09 -23.20
N PHE A 207 13.97 2.35 -22.09
CA PHE A 207 13.76 0.91 -22.09
C PHE A 207 12.64 0.59 -21.10
N THR A 208 11.70 -0.26 -21.50
CA THR A 208 10.80 -0.84 -20.53
C THR A 208 11.62 -1.70 -19.55
N ASN A 209 11.07 -1.89 -18.36
CA ASN A 209 11.77 -2.73 -17.38
C ASN A 209 12.12 -4.09 -17.99
N SER A 210 11.15 -4.73 -18.64
CA SER A 210 11.43 -6.00 -19.32
C SER A 210 12.55 -5.84 -20.33
N GLU A 211 12.45 -4.84 -21.21
CA GLU A 211 13.51 -4.59 -22.18
C GLU A 211 14.86 -4.45 -21.48
N THR A 212 14.88 -3.72 -20.36
CA THR A 212 16.11 -3.57 -19.59
C THR A 212 16.59 -4.92 -19.09
N ALA A 213 15.72 -5.66 -18.40
CA ALA A 213 16.12 -6.93 -17.81
C ALA A 213 16.78 -7.83 -18.84
N GLU A 214 16.15 -8.01 -20.00
CA GLU A 214 16.71 -8.92 -21.00
C GLU A 214 18.02 -8.39 -21.56
N HIS A 215 18.08 -7.08 -21.86
CA HIS A 215 19.32 -6.52 -22.39
C HIS A 215 20.46 -6.66 -21.39
N ILE A 216 20.21 -6.32 -20.13
CA ILE A 216 21.20 -6.54 -19.07
C ILE A 216 21.66 -8.00 -19.06
N ALA A 217 20.69 -8.93 -19.12
CA ALA A 217 21.04 -10.34 -19.07
C ALA A 217 21.94 -10.74 -20.22
N GLN A 218 21.90 -10.00 -21.33
CA GLN A 218 22.64 -10.35 -22.53
C GLN A 218 23.85 -9.45 -22.76
N GLY A 219 24.20 -8.60 -21.80
CA GLY A 219 25.44 -7.86 -21.83
C GLY A 219 25.33 -6.34 -21.98
N LEU A 220 24.15 -5.77 -22.12
CA LEU A 220 24.08 -4.33 -22.27
C LEU A 220 24.52 -3.64 -20.98
N ARG A 221 25.28 -2.56 -21.12
CA ARG A 221 25.75 -1.78 -19.99
C ARG A 221 25.60 -0.30 -20.30
N LEU A 222 25.38 0.49 -19.25
CA LEU A 222 25.14 1.91 -19.43
C LEU A 222 26.31 2.56 -20.18
N PRO A 223 26.04 3.60 -20.97
CA PRO A 223 27.12 4.26 -21.71
C PRO A 223 27.97 5.10 -20.78
N ARG A 224 29.23 5.28 -21.17
CA ARG A 224 30.13 6.11 -20.40
C ARG A 224 29.57 7.53 -20.33
N PRO A 225 29.34 8.08 -19.14
CA PRO A 225 28.91 9.49 -19.07
C PRO A 225 29.96 10.42 -19.67
N HIS A 226 29.49 11.60 -20.10
CA HIS A 226 30.37 12.54 -20.76
C HIS A 226 31.44 13.08 -19.81
N LEU A 227 31.08 13.29 -18.54
CA LEU A 227 32.00 13.83 -17.56
C LEU A 227 32.85 12.78 -16.87
N ALA A 228 32.68 11.51 -17.20
CA ALA A 228 33.43 10.44 -16.56
C ALA A 228 34.65 10.11 -17.40
N SER A 229 35.82 10.10 -16.77
CA SER A 229 37.01 9.62 -17.42
C SER A 229 36.92 8.11 -17.62
N GLU A 230 37.72 7.60 -18.56
CA GLU A 230 37.76 6.15 -18.77
C GLU A 230 38.16 5.42 -17.50
N ARG A 231 38.86 6.10 -16.58
CA ARG A 231 39.23 5.48 -15.32
C ARG A 231 38.04 5.43 -14.36
N VAL A 232 37.25 6.49 -14.30
CA VAL A 232 36.01 6.45 -13.53
C VAL A 232 35.07 5.40 -14.11
N TYR A 233 34.94 5.38 -15.44
CA TYR A 233 34.06 4.41 -16.09
C TYR A 233 34.50 2.99 -15.78
N THR A 234 35.81 2.73 -15.82
CA THR A 234 36.31 1.42 -15.46
C THR A 234 35.82 0.98 -14.09
N ILE A 235 35.66 1.92 -13.17
CA ILE A 235 35.27 1.55 -11.81
C ILE A 235 33.80 1.16 -11.77
N MET A 236 32.92 2.01 -12.31
CA MET A 236 31.50 1.67 -12.34
C MET A 236 31.21 0.49 -13.24
N TYR A 237 32.06 0.24 -14.24
CA TYR A 237 31.86 -0.91 -15.12
C TYR A 237 32.18 -2.22 -14.41
N SER A 238 33.14 -2.21 -13.49
CA SER A 238 33.49 -3.40 -12.73
C SER A 238 32.36 -3.83 -11.79
N CYS A 239 31.48 -2.90 -11.40
CA CYS A 239 30.33 -3.27 -10.60
C CYS A 239 29.33 -4.12 -11.37
N TRP A 240 29.43 -4.14 -12.70
CA TRP A 240 28.40 -4.73 -13.55
C TRP A 240 28.85 -6.06 -14.16
N HIS A 241 29.75 -6.77 -13.50
CA HIS A 241 30.10 -8.11 -13.96
C HIS A 241 28.88 -9.03 -13.85
N GLU A 242 28.67 -9.83 -14.89
CA GLU A 242 27.56 -10.79 -14.84
C GLU A 242 27.66 -11.69 -13.62
N LYS A 243 28.87 -12.16 -13.31
CA LYS A 243 29.12 -13.02 -12.15
C LYS A 243 29.32 -12.15 -10.92
N ALA A 244 28.48 -12.36 -9.90
CA ALA A 244 28.54 -11.53 -8.70
C ALA A 244 29.92 -11.61 -8.04
N ASP A 245 30.44 -12.84 -7.86
CA ASP A 245 31.74 -13.00 -7.22
C ASP A 245 32.85 -12.31 -8.00
N GLU A 246 32.65 -12.06 -9.29
CA GLU A 246 33.62 -11.32 -10.08
C GLU A 246 33.57 -9.83 -9.82
N ARG A 247 32.59 -9.34 -9.04
CA ARG A 247 32.47 -7.92 -8.75
C ARG A 247 33.32 -7.55 -7.52
N PRO A 248 33.98 -6.40 -7.54
CA PRO A 248 34.83 -6.03 -6.40
C PRO A 248 34.00 -5.55 -5.22
N SER A 249 34.49 -5.86 -4.02
CA SER A 249 33.82 -5.43 -2.81
C SER A 249 33.92 -3.91 -2.66
N PHE A 250 33.05 -3.36 -1.81
CA PHE A 250 33.09 -1.92 -1.55
C PHE A 250 34.45 -1.49 -1.01
N LYS A 251 35.11 -2.36 -0.25
CA LYS A 251 36.46 -2.06 0.22
C LYS A 251 37.43 -1.95 -0.95
N ILE A 252 37.48 -2.98 -1.81
CA ILE A 252 38.27 -2.92 -3.04
C ILE A 252 37.82 -1.75 -3.90
N LEU A 253 36.53 -1.40 -3.85
CA LEU A 253 36.01 -0.33 -4.67
C LEU A 253 36.43 1.03 -4.14
N LEU A 254 36.33 1.23 -2.83
CA LEU A 254 36.72 2.51 -2.25
C LEU A 254 38.19 2.82 -2.52
N SER A 255 39.06 1.82 -2.40
CA SER A 255 40.47 2.05 -2.69
C SER A 255 40.65 2.56 -4.12
N ASN A 256 40.04 1.86 -5.09
CA ASN A 256 40.15 2.30 -6.47
C ASN A 256 39.71 3.75 -6.62
N ILE A 257 38.58 4.11 -5.97
CA ILE A 257 38.11 5.49 -6.03
C ILE A 257 39.19 6.44 -5.54
N LEU A 258 39.79 6.12 -4.39
CA LEU A 258 40.81 7.02 -3.84
C LEU A 258 42.02 7.08 -4.74
N ASP A 259 42.36 5.98 -5.43
CA ASP A 259 43.44 6.03 -6.40
C ASP A 259 43.14 7.03 -7.50
N VAL A 260 41.89 7.07 -7.97
CA VAL A 260 41.52 8.02 -9.02
C VAL A 260 41.55 9.44 -8.49
N MET A 261 41.06 9.65 -7.27
CA MET A 261 41.09 10.99 -6.69
C MET A 261 42.53 11.49 -6.58
N ASP A 262 43.44 10.62 -6.13
CA ASP A 262 44.85 11.00 -6.03
C ASP A 262 45.41 11.39 -7.39
N GLU A 263 45.02 10.65 -8.44
CA GLU A 263 45.50 10.94 -9.78
C GLU A 263 44.83 12.17 -10.41
N GLU A 264 43.73 12.65 -9.82
CA GLU A 264 43.11 13.91 -10.25
C GLU A 264 43.70 15.12 -9.53
N SER A 265 44.88 14.97 -8.92
CA SER A 265 45.52 16.06 -8.21
C SER A 265 46.64 16.69 -9.06
N MET B 1 6.68 11.83 -26.38
CA MET B 1 8.08 12.21 -26.27
C MET B 1 8.20 13.42 -25.34
N GLU B 2 9.39 13.63 -24.79
CA GLU B 2 9.59 14.74 -23.87
C GLU B 2 9.45 16.08 -24.61
N ILE B 3 8.94 17.08 -23.88
CA ILE B 3 8.77 18.43 -24.41
C ILE B 3 9.51 19.41 -23.51
N ASP B 4 10.05 20.45 -24.14
CA ASP B 4 10.68 21.55 -23.41
C ASP B 4 9.66 22.65 -23.19
N PRO B 5 9.37 23.07 -21.95
CA PRO B 5 8.42 24.17 -21.74
C PRO B 5 8.69 25.38 -22.62
N LYS B 6 9.94 25.51 -23.06
CA LYS B 6 10.29 26.57 -24.00
C LYS B 6 9.42 26.51 -25.25
N ASP B 7 9.08 25.31 -25.70
CA ASP B 7 8.25 25.10 -26.87
C ASP B 7 6.75 25.15 -26.56
N LEU B 8 6.38 25.67 -25.39
CA LEU B 8 4.98 25.79 -25.00
C LEU B 8 4.66 27.24 -24.66
N THR B 9 3.38 27.58 -24.75
CA THR B 9 2.88 28.88 -24.33
C THR B 9 1.60 28.68 -23.52
N PHE B 10 1.47 29.43 -22.44
CA PHE B 10 0.26 29.40 -21.61
C PHE B 10 -0.57 30.64 -21.92
N LEU B 11 -1.76 30.42 -22.45
CA LEU B 11 -2.63 31.49 -22.92
C LEU B 11 -3.84 31.72 -22.03
N LYS B 12 -4.44 30.65 -21.53
CA LYS B 12 -5.74 30.73 -20.86
C LYS B 12 -5.80 29.66 -19.78
N GLU B 13 -6.58 29.94 -18.74
CA GLU B 13 -6.89 28.97 -17.71
C GLU B 13 -8.15 28.20 -18.11
N LEU B 14 -8.05 26.87 -18.13
CA LEU B 14 -9.20 26.03 -18.41
C LEU B 14 -9.87 25.51 -17.16
N GLY B 15 -9.23 25.63 -16.00
CA GLY B 15 -9.78 25.19 -14.73
C GLY B 15 -9.03 23.99 -14.18
N THR B 16 -9.32 23.70 -12.91
CA THR B 16 -8.73 22.58 -12.23
C THR B 16 -9.56 21.34 -12.50
N GLY B 17 -8.89 20.18 -12.50
CA GLY B 17 -9.55 18.90 -12.70
C GLY B 17 -9.16 17.92 -11.62
N GLN B 18 -9.69 16.70 -11.77
CA GLN B 18 -9.39 15.62 -10.83
C GLN B 18 -7.90 15.52 -10.58
N PHE B 19 -7.08 15.73 -11.62
CA PHE B 19 -5.65 15.45 -11.55
C PHE B 19 -4.77 16.70 -11.60
N GLY B 20 -5.35 17.89 -11.73
CA GLY B 20 -4.57 19.10 -11.56
C GLY B 20 -5.05 20.22 -12.48
N VAL B 21 -4.32 21.33 -12.42
CA VAL B 21 -4.64 22.50 -13.22
C VAL B 21 -4.43 22.19 -14.70
N VAL B 22 -5.31 22.71 -15.54
CA VAL B 22 -5.23 22.54 -16.98
C VAL B 22 -5.28 23.92 -17.62
N LYS B 23 -4.32 24.20 -18.51
CA LYS B 23 -4.28 25.46 -19.24
C LYS B 23 -4.33 25.19 -20.73
N TYR B 24 -4.87 26.16 -21.47
CA TYR B 24 -4.84 26.11 -22.94
C TYR B 24 -3.64 26.88 -23.47
N GLY B 25 -3.04 26.35 -24.51
CA GLY B 25 -1.89 26.97 -25.11
C GLY B 25 -1.59 26.41 -26.48
N LYS B 26 -0.37 26.67 -26.94
CA LYS B 26 0.10 26.23 -28.25
C LYS B 26 1.42 25.50 -28.08
N TRP B 27 1.53 24.32 -28.67
CA TRP B 27 2.76 23.54 -28.66
C TRP B 27 3.42 23.65 -30.03
N ARG B 28 4.69 24.03 -30.05
CA ARG B 28 5.43 24.17 -31.30
C ARG B 28 4.65 25.02 -32.30
N GLY B 29 3.92 26.01 -31.79
CA GLY B 29 3.19 26.94 -32.66
C GLY B 29 1.90 26.46 -33.28
N GLN B 30 1.89 25.24 -33.83
CA GLN B 30 0.79 24.80 -34.69
C GLN B 30 -0.19 23.86 -34.01
N TYR B 31 0.12 23.33 -32.83
CA TYR B 31 -0.75 22.40 -32.13
C TYR B 31 -1.52 23.12 -31.01
N ASP B 32 -2.84 23.15 -31.12
CA ASP B 32 -3.66 23.56 -30.00
C ASP B 32 -3.63 22.46 -28.94
N VAL B 33 -3.36 22.83 -27.70
CA VAL B 33 -3.16 21.84 -26.65
C VAL B 33 -3.73 22.34 -25.34
N ALA B 34 -4.13 21.38 -24.51
CA ALA B 34 -4.40 21.61 -23.10
C ALA B 34 -3.25 21.01 -22.31
N ILE B 35 -2.72 21.77 -21.35
CA ILE B 35 -1.57 21.36 -20.56
C ILE B 35 -2.06 21.11 -19.14
N ARG B 36 -1.93 19.87 -18.69
CA ARG B 36 -2.31 19.49 -17.33
C ARG B 36 -1.08 19.48 -16.43
N MET B 37 -1.15 20.22 -15.33
CA MET B 37 -0.12 20.16 -14.29
C MET B 37 -0.52 19.10 -13.28
N ILE B 38 0.14 17.94 -13.33
CA ILE B 38 -0.18 16.86 -12.41
C ILE B 38 0.03 17.32 -10.98
N ARG B 39 -1.05 17.37 -10.21
CA ARG B 39 -0.98 17.81 -8.82
CA ARG B 39 -0.99 17.80 -8.82
C ARG B 39 0.13 17.06 -8.09
N GLU B 40 0.91 17.81 -7.31
CA GLU B 40 2.05 17.23 -6.62
C GLU B 40 1.60 16.37 -5.44
N GLY B 41 2.36 15.31 -5.18
CA GLY B 41 2.03 14.38 -4.12
C GLY B 41 0.83 13.51 -4.38
N SER B 42 0.22 13.60 -5.57
CA SER B 42 -1.01 12.89 -5.86
C SER B 42 -0.80 11.55 -6.56
N MET B 43 0.27 11.41 -7.33
CA MET B 43 0.49 10.21 -8.14
C MET B 43 1.79 9.52 -7.73
N SER B 44 1.86 8.23 -8.03
CA SER B 44 3.11 7.47 -7.92
C SER B 44 3.94 7.82 -9.15
N GLU B 45 4.78 8.85 -9.01
CA GLU B 45 5.30 9.55 -10.19
C GLU B 45 6.22 8.66 -11.03
N ASP B 46 7.13 7.92 -10.40
CA ASP B 46 8.00 7.04 -11.17
C ASP B 46 7.18 6.02 -11.95
N GLU B 47 6.27 5.33 -11.27
CA GLU B 47 5.41 4.37 -11.95
C GLU B 47 4.55 5.07 -13.00
N PHE B 48 4.06 6.27 -12.69
CA PHE B 48 3.19 7.00 -13.61
C PHE B 48 3.96 7.53 -14.82
N ILE B 49 5.21 7.95 -14.62
CA ILE B 49 6.02 8.44 -15.73
C ILE B 49 6.37 7.30 -16.69
N GLU B 50 6.85 6.18 -16.14
CA GLU B 50 7.12 5.02 -16.98
C GLU B 50 5.85 4.53 -17.67
N GLU B 51 4.72 4.55 -16.97
CA GLU B 51 3.47 4.11 -17.57
C GLU B 51 2.97 5.10 -18.61
N ALA B 52 3.34 6.38 -18.48
CA ALA B 52 2.89 7.37 -19.46
C ALA B 52 3.45 7.08 -20.84
N LYS B 53 4.60 6.43 -20.93
CA LYS B 53 5.18 6.12 -22.24
C LYS B 53 4.34 5.09 -22.98
N VAL B 54 3.85 4.07 -22.28
CA VAL B 54 3.02 3.06 -22.93
C VAL B 54 1.69 3.65 -23.35
N MET B 55 1.07 4.44 -22.47
CA MET B 55 -0.15 5.14 -22.83
C MET B 55 0.05 6.09 -24.00
N MET B 56 1.29 6.46 -24.29
CA MET B 56 1.56 7.37 -25.41
C MET B 56 1.35 6.69 -26.75
N ASN B 57 1.81 5.44 -26.86
CA ASN B 57 1.67 4.69 -28.11
C ASN B 57 0.25 4.20 -28.37
N LEU B 58 -0.71 4.59 -27.54
CA LEU B 58 -2.12 4.37 -27.84
C LEU B 58 -2.61 5.52 -28.71
N SER B 59 -3.07 5.19 -29.91
CA SER B 59 -3.54 6.19 -30.86
C SER B 59 -4.83 5.71 -31.48
N HIS B 60 -5.88 6.53 -31.38
CA HIS B 60 -7.16 6.24 -31.99
C HIS B 60 -7.90 7.55 -32.20
N GLU B 61 -8.62 7.64 -33.31
CA GLU B 61 -9.32 8.88 -33.66
C GLU B 61 -10.15 9.41 -32.51
N LYS B 62 -10.68 8.52 -31.67
CA LYS B 62 -11.59 8.87 -30.60
C LYS B 62 -10.94 8.84 -29.22
N LEU B 63 -9.61 8.79 -29.15
CA LEU B 63 -8.88 9.00 -27.92
C LEU B 63 -8.22 10.37 -27.98
N VAL B 64 -8.34 11.16 -26.91
CA VAL B 64 -7.68 12.46 -26.86
C VAL B 64 -6.20 12.24 -27.06
N GLN B 65 -5.64 12.84 -28.11
CA GLN B 65 -4.26 12.56 -28.48
C GLN B 65 -3.29 13.12 -27.45
N LEU B 66 -2.27 12.32 -27.13
CA LEU B 66 -1.23 12.69 -26.17
C LEU B 66 0.04 13.03 -26.94
N TYR B 67 0.48 14.28 -26.85
CA TYR B 67 1.61 14.75 -27.64
C TYR B 67 2.94 14.57 -26.92
N GLY B 68 2.99 14.88 -25.63
CA GLY B 68 4.24 14.71 -24.91
C GLY B 68 4.06 15.03 -23.44
N VAL B 69 5.19 15.01 -22.72
CA VAL B 69 5.23 15.25 -21.29
C VAL B 69 6.46 16.08 -20.97
N CYS B 70 6.39 16.82 -19.86
CA CYS B 70 7.55 17.50 -19.28
C CYS B 70 7.77 16.90 -17.90
N THR B 71 8.85 16.12 -17.75
CA THR B 71 9.09 15.37 -16.52
C THR B 71 10.33 15.80 -15.76
N LYS B 72 11.14 16.71 -16.31
CA LYS B 72 12.37 17.15 -15.67
C LYS B 72 12.13 18.32 -14.72
N GLN B 73 10.88 18.57 -14.37
CA GLN B 73 10.54 19.61 -13.40
C GLN B 73 9.22 19.21 -12.76
N ARG B 74 8.98 19.75 -11.58
CA ARG B 74 7.69 19.52 -10.93
C ARG B 74 6.92 20.83 -10.83
N PRO B 75 5.61 20.83 -11.11
CA PRO B 75 4.75 19.68 -11.44
C PRO B 75 4.96 19.14 -12.84
N ILE B 76 4.68 17.85 -13.04
CA ILE B 76 4.76 17.28 -14.38
C ILE B 76 3.73 17.95 -15.27
N PHE B 77 4.11 18.15 -16.53
CA PHE B 77 3.18 18.61 -17.55
C PHE B 77 2.73 17.44 -18.40
N ILE B 78 1.49 17.51 -18.87
CA ILE B 78 0.94 16.56 -19.84
C ILE B 78 0.31 17.39 -20.95
N ILE B 79 0.75 17.15 -22.19
CA ILE B 79 0.41 17.98 -23.33
C ILE B 79 -0.52 17.18 -24.22
N THR B 80 -1.79 17.53 -24.22
CA THR B 80 -2.83 16.77 -24.90
C THR B 80 -3.56 17.62 -25.93
N GLU B 81 -4.25 16.93 -26.83
CA GLU B 81 -5.09 17.60 -27.80
C GLU B 81 -6.11 18.48 -27.08
N TYR B 82 -6.33 19.68 -27.63
CA TYR B 82 -7.26 20.63 -27.04
C TYR B 82 -8.67 20.37 -27.59
N MET B 83 -9.60 20.08 -26.69
CA MET B 83 -10.99 19.81 -27.05
C MET B 83 -11.79 21.07 -26.71
N ALA B 84 -12.11 21.86 -27.75
CA ALA B 84 -12.59 23.22 -27.52
C ALA B 84 -13.94 23.28 -26.81
N ASN B 85 -14.73 22.21 -26.83
CA ASN B 85 -16.00 22.19 -26.13
C ASN B 85 -15.92 21.57 -24.75
N GLY B 86 -14.73 21.15 -24.32
CA GLY B 86 -14.51 20.78 -22.95
C GLY B 86 -15.16 19.47 -22.51
N CYS B 87 -15.37 19.38 -21.20
CA CYS B 87 -15.93 18.19 -20.58
C CYS B 87 -17.26 17.81 -21.23
N LEU B 88 -17.47 16.51 -21.41
CA LEU B 88 -18.74 16.05 -21.96
C LEU B 88 -19.88 16.26 -20.98
N LEU B 89 -19.61 16.04 -19.68
CA LEU B 89 -20.64 16.22 -18.67
C LEU B 89 -21.18 17.64 -18.68
N ASN B 90 -20.30 18.62 -18.88
CA ASN B 90 -20.74 20.01 -18.96
C ASN B 90 -21.33 20.35 -20.32
N TYR B 91 -20.79 19.76 -21.38
CA TYR B 91 -21.36 19.98 -22.71
C TYR B 91 -22.82 19.52 -22.73
N LEU B 92 -23.11 18.35 -22.16
CA LEU B 92 -24.47 17.84 -22.18
C LEU B 92 -25.44 18.76 -21.46
N ARG B 93 -24.95 19.51 -20.47
CA ARG B 93 -25.82 20.34 -19.64
C ARG B 93 -25.98 21.75 -20.20
N GLU B 94 -24.89 22.34 -20.70
CA GLU B 94 -24.99 23.70 -21.24
C GLU B 94 -25.89 23.74 -22.47
N MET B 95 -25.84 22.71 -23.31
CA MET B 95 -26.65 22.66 -24.52
C MET B 95 -28.03 22.06 -24.23
N ARG B 98 -30.71 21.70 -27.42
CA ARG B 98 -29.65 21.89 -28.40
C ARG B 98 -29.15 20.56 -28.98
N PHE B 99 -29.90 19.48 -28.74
CA PHE B 99 -29.47 18.14 -29.12
C PHE B 99 -30.63 17.36 -29.71
N GLN B 100 -30.61 17.14 -31.02
CA GLN B 100 -31.49 16.15 -31.61
C GLN B 100 -30.99 14.76 -31.27
N THR B 101 -31.92 13.84 -31.00
CA THR B 101 -31.53 12.52 -30.52
C THR B 101 -30.57 11.83 -31.48
N GLN B 102 -30.63 12.15 -32.77
CA GLN B 102 -29.67 11.57 -33.71
C GLN B 102 -28.24 11.95 -33.32
N GLN B 103 -28.06 13.10 -32.67
CA GLN B 103 -26.73 13.53 -32.25
C GLN B 103 -26.28 12.84 -30.97
N LEU B 104 -27.23 12.46 -30.10
CA LEU B 104 -26.86 11.77 -28.87
C LEU B 104 -26.31 10.39 -29.16
N LEU B 105 -26.98 9.64 -30.04
CA LEU B 105 -26.46 8.32 -30.42
C LEU B 105 -25.10 8.44 -31.07
N GLU B 106 -24.85 9.54 -31.79
CA GLU B 106 -23.51 9.76 -32.35
C GLU B 106 -22.46 9.79 -31.25
N MET B 107 -22.74 10.51 -30.15
CA MET B 107 -21.79 10.57 -29.05
C MET B 107 -21.46 9.17 -28.54
N CYS B 108 -22.50 8.36 -28.30
CA CYS B 108 -22.28 7.00 -27.83
C CYS B 108 -21.36 6.23 -28.79
N LYS B 109 -21.60 6.34 -30.10
CA LYS B 109 -20.73 5.69 -31.05
C LYS B 109 -19.29 6.10 -30.85
N ASP B 110 -19.04 7.42 -30.78
CA ASP B 110 -17.68 7.92 -30.65
C ASP B 110 -16.98 7.31 -29.44
N VAL B 111 -17.67 7.22 -28.31
CA VAL B 111 -17.07 6.62 -27.12
C VAL B 111 -16.89 5.13 -27.31
N CYS B 112 -17.93 4.45 -27.81
CA CYS B 112 -17.83 3.02 -28.05
C CYS B 112 -16.62 2.71 -28.92
N GLU B 113 -16.46 3.44 -30.02
CA GLU B 113 -15.27 3.27 -30.87
C GLU B 113 -14.00 3.33 -30.04
N ALA B 114 -13.88 4.37 -29.20
CA ALA B 114 -12.68 4.52 -28.39
C ALA B 114 -12.49 3.32 -27.47
N MET B 115 -13.56 2.93 -26.78
CA MET B 115 -13.45 1.84 -25.83
C MET B 115 -13.18 0.50 -26.52
N GLU B 116 -13.66 0.32 -27.75
CA GLU B 116 -13.30 -0.87 -28.50
C GLU B 116 -11.79 -0.91 -28.73
N TYR B 117 -11.21 0.23 -29.09
CA TYR B 117 -9.78 0.28 -29.32
C TYR B 117 -9.01 -0.15 -28.07
N LEU B 118 -9.40 0.36 -26.91
CA LEU B 118 -8.74 -0.04 -25.67
C LEU B 118 -9.00 -1.50 -25.36
N GLU B 119 -10.24 -1.97 -25.56
CA GLU B 119 -10.53 -3.38 -25.40
C GLU B 119 -9.63 -4.22 -26.30
N SER B 120 -9.55 -3.86 -27.58
CA SER B 120 -8.70 -4.59 -28.52
C SER B 120 -7.23 -4.54 -28.12
N LYS B 121 -6.85 -3.67 -27.19
CA LYS B 121 -5.48 -3.58 -26.70
C LYS B 121 -5.33 -4.12 -25.28
N GLN B 122 -6.38 -4.74 -24.74
CA GLN B 122 -6.38 -5.25 -23.36
C GLN B 122 -5.92 -4.16 -22.38
N PHE B 123 -6.46 -2.96 -22.57
CA PHE B 123 -6.16 -1.82 -21.71
C PHE B 123 -7.45 -1.38 -21.02
N LEU B 124 -7.40 -1.23 -19.70
CA LEU B 124 -8.59 -0.93 -18.90
C LEU B 124 -8.64 0.55 -18.57
N HIS B 125 -9.82 1.14 -18.72
CA HIS B 125 -10.00 2.53 -18.34
C HIS B 125 -10.05 2.68 -16.82
N ARG B 126 -10.96 1.96 -16.17
CA ARG B 126 -11.16 1.86 -14.73
C ARG B 126 -12.02 2.99 -14.17
N ASP B 127 -12.35 4.02 -14.96
CA ASP B 127 -13.13 5.13 -14.46
C ASP B 127 -13.87 5.83 -15.59
N LEU B 128 -14.41 5.04 -16.53
CA LEU B 128 -15.19 5.61 -17.62
C LEU B 128 -16.41 6.33 -17.05
N ALA B 129 -16.65 7.54 -17.55
CA ALA B 129 -17.76 8.37 -17.11
C ALA B 129 -17.76 9.62 -17.99
N ALA B 130 -18.91 10.29 -18.01
CA ALA B 130 -19.03 11.50 -18.83
C ALA B 130 -18.02 12.56 -18.40
N ARG B 131 -17.71 12.61 -17.10
CA ARG B 131 -16.75 13.61 -16.62
C ARG B 131 -15.38 13.43 -17.27
N ASN B 132 -15.06 12.22 -17.71
CA ASN B 132 -13.75 11.93 -18.28
C ASN B 132 -13.75 11.88 -19.80
N CYS B 133 -14.83 12.34 -20.43
CA CYS B 133 -14.91 12.47 -21.89
C CYS B 133 -14.92 13.94 -22.27
N LEU B 134 -14.44 14.23 -23.47
CA LEU B 134 -14.29 15.60 -23.94
C LEU B 134 -14.84 15.74 -25.35
N VAL B 135 -15.19 16.98 -25.71
CA VAL B 135 -15.81 17.28 -27.00
C VAL B 135 -15.02 18.39 -27.69
N ASN B 136 -14.74 18.22 -28.97
CA ASN B 136 -13.98 19.20 -29.73
C ASN B 136 -14.93 20.16 -30.45
N ASP B 137 -14.33 21.15 -31.13
CA ASP B 137 -15.12 22.17 -31.82
C ASP B 137 -16.14 21.57 -32.78
N GLN B 138 -15.90 20.35 -33.26
CA GLN B 138 -16.78 19.72 -34.23
C GLN B 138 -17.80 18.80 -33.59
N GLY B 139 -17.90 18.81 -32.27
CA GLY B 139 -18.87 17.97 -31.58
C GLY B 139 -18.46 16.53 -31.40
N VAL B 140 -17.28 16.14 -31.88
CA VAL B 140 -16.82 14.76 -31.73
C VAL B 140 -16.44 14.51 -30.27
N VAL B 141 -16.82 13.35 -29.75
CA VAL B 141 -16.55 12.97 -28.37
C VAL B 141 -15.35 12.03 -28.34
N LYS B 142 -14.46 12.22 -27.37
CA LYS B 142 -13.25 11.43 -27.24
C LYS B 142 -12.99 11.08 -25.79
N VAL B 143 -12.50 9.86 -25.55
CA VAL B 143 -12.23 9.38 -24.21
C VAL B 143 -10.88 9.91 -23.74
N SER B 144 -10.73 10.05 -22.42
CA SER B 144 -9.47 10.48 -21.84
C SER B 144 -9.40 10.00 -20.40
N ASP B 145 -8.22 10.20 -19.80
CA ASP B 145 -7.91 9.80 -18.43
C ASP B 145 -8.04 8.29 -18.22
N PHE B 146 -7.98 7.51 -19.30
CA PHE B 146 -7.96 6.06 -19.18
C PHE B 146 -6.71 5.60 -18.45
N GLY B 147 -6.88 4.71 -17.49
CA GLY B 147 -5.78 4.14 -16.73
C GLY B 147 -5.21 5.04 -15.65
N MET B 148 -5.72 6.27 -15.50
CA MET B 148 -5.09 7.23 -14.60
C MET B 148 -5.20 6.82 -13.14
N THR B 149 -6.36 6.28 -12.74
CA THR B 149 -6.56 5.96 -11.33
C THR B 149 -5.57 4.92 -10.83
N ARG B 150 -4.92 4.18 -11.74
CA ARG B 150 -3.98 3.16 -11.34
C ARG B 150 -2.81 3.70 -10.52
N TYR B 151 -2.60 5.03 -10.50
CA TYR B 151 -1.44 5.61 -9.85
C TYR B 151 -1.82 6.68 -8.83
N VAL B 152 -3.11 6.83 -8.53
CA VAL B 152 -3.54 7.82 -7.55
C VAL B 152 -3.17 7.35 -6.15
N LEU B 153 -2.60 8.26 -5.35
CA LEU B 153 -2.16 7.90 -4.01
C LEU B 153 -3.33 7.89 -3.01
N ASP B 154 -4.27 8.83 -3.16
CA ASP B 154 -5.38 8.94 -2.23
C ASP B 154 -6.24 7.68 -2.24
N ASP B 155 -6.29 6.97 -1.10
CA ASP B 155 -7.07 5.74 -1.03
C ASP B 155 -8.56 6.01 -1.13
N GLU B 156 -9.02 7.17 -0.67
CA GLU B 156 -10.43 7.50 -0.77
C GLU B 156 -10.91 7.52 -2.21
N TYR B 157 -9.99 7.65 -3.17
CA TYR B 157 -10.36 7.59 -4.58
C TYR B 157 -10.37 6.16 -5.08
N THR B 158 -9.41 5.34 -4.65
CA THR B 158 -9.20 4.03 -5.25
C THR B 158 -9.97 2.92 -4.54
N SER B 159 -9.97 2.90 -3.21
CA SER B 159 -10.70 1.87 -2.48
C SER B 159 -12.15 1.82 -2.97
N SER B 160 -12.68 0.62 -3.12
CA SER B 160 -14.05 0.44 -3.59
C SER B 160 -15.06 1.17 -2.71
N THR B 161 -14.73 1.42 -1.44
CA THR B 161 -15.64 2.05 -0.50
C THR B 161 -15.17 3.46 -0.10
N GLY B 162 -14.24 4.03 -0.85
CA GLY B 162 -13.75 5.37 -0.52
C GLY B 162 -14.83 6.42 -0.66
N SER B 163 -14.55 7.58 -0.07
CA SER B 163 -15.47 8.71 -0.12
C SER B 163 -15.47 9.43 -1.45
N LYS B 164 -14.53 9.10 -2.33
CA LYS B 164 -14.45 9.69 -3.67
C LYS B 164 -14.53 8.64 -4.77
N PHE B 165 -14.78 7.38 -4.43
CA PHE B 165 -14.83 6.34 -5.44
C PHE B 165 -16.09 6.51 -6.30
N PRO B 166 -16.01 6.21 -7.61
CA PRO B 166 -17.21 6.29 -8.48
C PRO B 166 -18.12 5.06 -8.37
N VAL B 167 -18.87 5.02 -7.28
CA VAL B 167 -19.77 3.89 -7.04
C VAL B 167 -20.82 3.80 -8.12
N LYS B 168 -21.40 4.93 -8.50
CA LYS B 168 -22.57 4.91 -9.38
C LYS B 168 -22.25 4.53 -10.82
N TRP B 169 -20.97 4.37 -11.15
CA TRP B 169 -20.55 3.79 -12.42
C TRP B 169 -19.91 2.43 -12.27
N ALA B 170 -19.69 1.97 -11.04
CA ALA B 170 -18.98 0.73 -10.77
C ALA B 170 -19.90 -0.47 -10.85
N SER B 171 -19.41 -1.54 -11.46
CA SER B 171 -20.15 -2.78 -11.53
C SER B 171 -20.16 -3.45 -10.15
N PRO B 172 -20.95 -4.52 -9.98
CA PRO B 172 -20.97 -5.19 -8.68
C PRO B 172 -19.63 -5.79 -8.29
N GLU B 173 -19.02 -6.58 -9.17
CA GLU B 173 -17.74 -7.20 -8.83
C GLU B 173 -16.67 -6.17 -8.54
N VAL B 174 -16.80 -4.97 -9.11
CA VAL B 174 -15.85 -3.91 -8.80
C VAL B 174 -16.09 -3.37 -7.39
N LEU B 175 -17.36 -3.27 -6.99
CA LEU B 175 -17.69 -2.75 -5.67
C LEU B 175 -17.45 -3.76 -4.56
N MET B 176 -17.29 -5.04 -4.91
CA MET B 176 -17.20 -6.10 -3.92
C MET B 176 -15.88 -6.84 -3.97
N TYR B 177 -15.48 -7.34 -5.13
CA TYR B 177 -14.22 -8.06 -5.28
C TYR B 177 -13.13 -7.22 -5.94
N SER B 178 -13.42 -5.95 -6.25
CA SER B 178 -12.46 -5.07 -6.93
C SER B 178 -11.86 -5.76 -8.16
N LYS B 179 -12.72 -6.41 -8.93
CA LYS B 179 -12.32 -7.13 -10.14
C LYS B 179 -12.56 -6.22 -11.34
N PHE B 180 -11.51 -5.53 -11.76
CA PHE B 180 -11.59 -4.64 -12.91
C PHE B 180 -11.39 -5.43 -14.20
N SER B 181 -12.15 -5.05 -15.22
CA SER B 181 -12.13 -5.74 -16.51
C SER B 181 -12.90 -4.88 -17.50
N SER B 182 -12.80 -5.23 -18.79
CA SER B 182 -13.54 -4.51 -19.80
C SER B 182 -15.04 -4.64 -19.58
N LYS B 183 -15.48 -5.73 -18.95
CA LYS B 183 -16.90 -5.86 -18.63
C LYS B 183 -17.34 -4.85 -17.59
N SER B 184 -16.44 -4.46 -16.68
CA SER B 184 -16.76 -3.37 -15.76
C SER B 184 -16.79 -2.03 -16.49
N ASP B 185 -15.85 -1.83 -17.43
CA ASP B 185 -15.90 -0.64 -18.29
C ASP B 185 -17.18 -0.64 -19.12
N ILE B 186 -17.63 -1.82 -19.56
CA ILE B 186 -18.91 -1.91 -20.27
C ILE B 186 -20.03 -1.45 -19.36
N TRP B 187 -20.03 -1.88 -18.10
CA TRP B 187 -21.03 -1.43 -17.15
C TRP B 187 -21.04 0.09 -17.06
N ALA B 188 -19.87 0.70 -16.91
CA ALA B 188 -19.78 2.15 -16.86
C ALA B 188 -20.26 2.78 -18.15
N PHE B 189 -19.83 2.24 -19.30
CA PHE B 189 -20.30 2.76 -20.57
C PHE B 189 -21.82 2.84 -20.62
N GLY B 190 -22.49 1.79 -20.12
CA GLY B 190 -23.94 1.85 -20.04
C GLY B 190 -24.42 3.05 -19.26
N VAL B 191 -23.81 3.29 -18.09
CA VAL B 191 -24.16 4.46 -17.30
C VAL B 191 -23.84 5.74 -18.07
N LEU B 192 -22.76 5.73 -18.85
CA LEU B 192 -22.42 6.88 -19.67
C LEU B 192 -23.46 7.12 -20.75
N MET B 193 -23.92 6.05 -21.41
CA MET B 193 -25.04 6.19 -22.34
C MET B 193 -26.24 6.81 -21.65
N TRP B 194 -26.53 6.37 -20.42
CA TRP B 194 -27.63 6.95 -19.66
C TRP B 194 -27.38 8.43 -19.40
N GLU B 195 -26.14 8.81 -19.15
CA GLU B 195 -25.81 10.21 -18.93
C GLU B 195 -26.05 11.03 -20.21
N ILE B 196 -25.71 10.45 -21.37
CA ILE B 196 -25.88 11.18 -22.62
C ILE B 196 -27.35 11.47 -22.87
N TYR B 197 -28.19 10.45 -22.78
CA TYR B 197 -29.61 10.62 -23.03
C TYR B 197 -30.35 11.30 -21.89
N SER B 198 -29.74 11.39 -20.71
CA SER B 198 -30.27 12.19 -19.62
C SER B 198 -29.67 13.59 -19.58
N LEU B 199 -28.84 13.93 -20.56
CA LEU B 199 -28.31 15.29 -20.72
C LEU B 199 -27.65 15.79 -19.45
N GLY B 200 -26.89 14.90 -18.80
CA GLY B 200 -26.05 15.29 -17.68
C GLY B 200 -26.60 14.97 -16.31
N LYS B 201 -27.85 14.54 -16.21
CA LYS B 201 -28.39 14.14 -14.92
C LYS B 201 -27.42 13.19 -14.22
N MET B 202 -27.31 13.34 -12.91
CA MET B 202 -26.47 12.44 -12.13
C MET B 202 -27.23 11.13 -11.90
N PRO B 203 -26.62 9.98 -12.14
CA PRO B 203 -27.34 8.71 -11.94
C PRO B 203 -27.62 8.46 -10.46
N TYR B 204 -28.65 7.65 -10.22
CA TYR B 204 -29.05 7.29 -8.87
C TYR B 204 -29.00 8.48 -7.91
N GLU B 205 -29.50 9.64 -8.35
CA GLU B 205 -29.43 10.83 -7.51
C GLU B 205 -30.32 10.74 -6.27
N ARG B 206 -31.16 9.71 -6.16
CA ARG B 206 -31.99 9.51 -4.99
C ARG B 206 -31.30 8.70 -3.90
N PHE B 207 -30.08 8.22 -4.14
CA PHE B 207 -29.43 7.26 -3.26
C PHE B 207 -28.04 7.74 -2.86
N THR B 208 -27.62 7.33 -1.67
CA THR B 208 -26.23 7.44 -1.28
C THR B 208 -25.42 6.34 -1.97
N ASN B 209 -24.09 6.45 -1.88
CA ASN B 209 -23.23 5.49 -2.55
C ASN B 209 -23.58 4.05 -2.15
N SER B 210 -23.70 3.79 -0.85
CA SER B 210 -24.04 2.44 -0.41
C SER B 210 -25.46 2.06 -0.80
N GLU B 211 -26.41 2.97 -0.60
CA GLU B 211 -27.79 2.72 -1.02
C GLU B 211 -27.83 2.29 -2.48
N THR B 212 -27.09 2.98 -3.33
CA THR B 212 -26.97 2.55 -4.73
C THR B 212 -26.42 1.14 -4.81
N ALA B 213 -25.26 0.90 -4.19
CA ALA B 213 -24.64 -0.42 -4.25
C ALA B 213 -25.60 -1.50 -3.75
N GLU B 214 -26.37 -1.19 -2.71
CA GLU B 214 -27.31 -2.19 -2.21
C GLU B 214 -28.40 -2.47 -3.23
N HIS B 215 -28.91 -1.43 -3.89
CA HIS B 215 -29.99 -1.64 -4.85
C HIS B 215 -29.49 -2.39 -6.09
N ILE B 216 -28.28 -2.09 -6.55
CA ILE B 216 -27.73 -2.80 -7.71
C ILE B 216 -27.68 -4.30 -7.43
N ALA B 217 -27.13 -4.68 -6.27
CA ALA B 217 -27.09 -6.09 -5.91
C ALA B 217 -28.48 -6.73 -5.93
N GLN B 218 -29.52 -5.93 -5.71
CA GLN B 218 -30.88 -6.44 -5.60
C GLN B 218 -31.65 -6.37 -6.91
N GLY B 219 -31.03 -5.89 -7.99
CA GLY B 219 -31.63 -5.91 -9.32
C GLY B 219 -32.05 -4.56 -9.86
N LEU B 220 -32.01 -3.51 -9.05
CA LEU B 220 -32.36 -2.18 -9.56
C LEU B 220 -31.39 -1.77 -10.66
N ARG B 221 -31.92 -1.07 -11.66
CA ARG B 221 -31.11 -0.47 -12.71
C ARG B 221 -31.65 0.93 -12.97
N LEU B 222 -30.91 1.68 -13.78
CA LEU B 222 -31.29 3.06 -14.04
C LEU B 222 -32.55 3.10 -14.91
N PRO B 223 -33.47 4.03 -14.64
CA PRO B 223 -34.69 4.10 -15.44
C PRO B 223 -34.41 4.57 -16.86
N ARG B 224 -35.40 4.39 -17.72
CA ARG B 224 -35.27 4.77 -19.12
C ARG B 224 -35.26 6.29 -19.25
N PRO B 225 -34.24 6.89 -19.85
CA PRO B 225 -34.29 8.34 -20.10
C PRO B 225 -35.37 8.68 -21.10
N HIS B 226 -35.99 9.85 -20.89
CA HIS B 226 -37.08 10.29 -21.75
C HIS B 226 -36.70 10.25 -23.22
N LEU B 227 -35.48 10.67 -23.55
CA LEU B 227 -35.05 10.81 -24.94
C LEU B 227 -34.48 9.52 -25.53
N ALA B 228 -34.51 8.42 -24.79
CA ALA B 228 -33.93 7.16 -25.23
C ALA B 228 -35.01 6.25 -25.79
N SER B 229 -34.84 5.83 -27.04
CA SER B 229 -35.75 4.85 -27.62
C SER B 229 -35.62 3.52 -26.89
N GLU B 230 -36.68 2.71 -26.97
CA GLU B 230 -36.62 1.38 -26.38
C GLU B 230 -35.43 0.60 -26.92
N ARG B 231 -35.12 0.77 -28.22
CA ARG B 231 -33.96 0.10 -28.78
C ARG B 231 -32.67 0.59 -28.14
N VAL B 232 -32.61 1.88 -27.80
CA VAL B 232 -31.41 2.41 -27.15
C VAL B 232 -31.35 1.93 -25.70
N TYR B 233 -32.47 1.99 -24.98
CA TYR B 233 -32.47 1.54 -23.60
C TYR B 233 -32.04 0.08 -23.51
N THR B 234 -32.26 -0.70 -24.57
CA THR B 234 -31.82 -2.10 -24.56
C THR B 234 -30.31 -2.20 -24.66
N ILE B 235 -29.66 -1.20 -25.26
CA ILE B 235 -28.21 -1.27 -25.43
C ILE B 235 -27.48 -0.90 -24.14
N MET B 236 -27.98 0.12 -23.43
CA MET B 236 -27.36 0.48 -22.16
C MET B 236 -27.76 -0.47 -21.04
N TYR B 237 -28.94 -1.09 -21.16
CA TYR B 237 -29.35 -2.08 -20.16
C TYR B 237 -28.57 -3.37 -20.32
N SER B 238 -28.14 -3.69 -21.54
CA SER B 238 -27.34 -4.89 -21.75
C SER B 238 -26.00 -4.83 -21.05
N CYS B 239 -25.50 -3.62 -20.78
CA CYS B 239 -24.24 -3.49 -20.07
C CYS B 239 -24.37 -3.83 -18.59
N TRP B 240 -25.59 -3.82 -18.07
CA TRP B 240 -25.82 -3.91 -16.63
C TRP B 240 -26.23 -5.31 -16.18
N HIS B 241 -25.91 -6.32 -16.98
CA HIS B 241 -26.16 -7.69 -16.55
C HIS B 241 -25.36 -7.98 -15.29
N GLU B 242 -26.03 -8.57 -14.30
CA GLU B 242 -25.33 -9.01 -13.09
C GLU B 242 -24.11 -9.85 -13.46
N LYS B 243 -24.30 -10.82 -14.34
CA LYS B 243 -23.21 -11.67 -14.79
C LYS B 243 -22.34 -10.90 -15.78
N ALA B 244 -21.07 -10.70 -15.42
CA ALA B 244 -20.18 -9.90 -16.26
C ALA B 244 -19.98 -10.53 -17.63
N ASP B 245 -19.97 -11.87 -17.70
CA ASP B 245 -19.75 -12.53 -18.98
C ASP B 245 -20.94 -12.37 -19.92
N GLU B 246 -22.14 -12.16 -19.36
CA GLU B 246 -23.32 -11.93 -20.19
C GLU B 246 -23.34 -10.53 -20.81
N ARG B 247 -22.42 -9.66 -20.42
CA ARG B 247 -22.41 -8.30 -20.96
C ARG B 247 -21.77 -8.29 -22.34
N PRO B 248 -22.35 -7.58 -23.30
CA PRO B 248 -21.75 -7.54 -24.64
C PRO B 248 -20.41 -6.82 -24.65
N SER B 249 -19.50 -7.33 -25.46
CA SER B 249 -18.22 -6.67 -25.66
C SER B 249 -18.42 -5.30 -26.30
N PHE B 250 -17.36 -4.48 -26.26
CA PHE B 250 -17.44 -3.17 -26.91
C PHE B 250 -17.58 -3.31 -28.41
N LYS B 251 -17.02 -4.37 -28.99
CA LYS B 251 -17.22 -4.64 -30.41
C LYS B 251 -18.68 -4.95 -30.70
N ILE B 252 -19.24 -5.94 -29.99
CA ILE B 252 -20.64 -6.28 -30.15
C ILE B 252 -21.51 -5.05 -29.91
N LEU B 253 -21.16 -4.25 -28.91
CA LEU B 253 -21.97 -3.09 -28.56
C LEU B 253 -22.01 -2.07 -29.70
N LEU B 254 -20.92 -1.94 -30.45
CA LEU B 254 -20.84 -0.92 -31.49
C LEU B 254 -21.82 -1.22 -32.62
N SER B 255 -21.84 -2.47 -33.10
CA SER B 255 -22.77 -2.83 -34.17
C SER B 255 -24.21 -2.67 -33.73
N ASN B 256 -24.50 -2.95 -32.46
CA ASN B 256 -25.83 -2.69 -31.93
C ASN B 256 -26.20 -1.21 -32.11
N ILE B 257 -25.23 -0.32 -31.91
CA ILE B 257 -25.47 1.10 -32.07
C ILE B 257 -25.63 1.45 -33.54
N LEU B 258 -24.71 0.96 -34.38
CA LEU B 258 -24.76 1.29 -35.80
C LEU B 258 -26.07 0.84 -36.43
N ASP B 259 -26.58 -0.32 -36.02
CA ASP B 259 -27.87 -0.78 -36.51
C ASP B 259 -28.97 0.23 -36.17
N VAL B 260 -28.99 0.69 -34.92
CA VAL B 260 -29.96 1.71 -34.54
C VAL B 260 -29.65 3.02 -35.27
N MET B 261 -28.38 3.30 -35.51
CA MET B 261 -28.02 4.51 -36.27
C MET B 261 -28.57 4.43 -37.69
N ASP B 262 -28.54 3.25 -38.30
CA ASP B 262 -29.08 3.10 -39.64
C ASP B 262 -30.60 3.19 -39.64
N GLU B 263 -31.25 2.74 -38.56
CA GLU B 263 -32.70 2.70 -38.50
C GLU B 263 -33.32 4.03 -38.12
N GLU B 264 -32.54 5.10 -38.01
CA GLU B 264 -33.06 6.43 -37.72
C GLU B 264 -33.17 7.29 -38.98
N SER B 265 -33.00 6.70 -40.15
CA SER B 265 -33.10 7.45 -41.40
C SER B 265 -34.54 7.62 -41.83
N MET C 1 -22.19 -20.42 8.24
CA MET C 1 -22.96 -20.87 7.08
C MET C 1 -22.71 -19.96 5.88
N GLU C 2 -23.04 -20.45 4.69
CA GLU C 2 -22.78 -19.69 3.47
C GLU C 2 -23.72 -18.48 3.39
N ILE C 3 -23.17 -17.32 3.09
CA ILE C 3 -23.92 -16.07 2.97
C ILE C 3 -23.89 -15.64 1.51
N ASP C 4 -25.02 -15.14 1.03
CA ASP C 4 -25.09 -14.59 -0.32
C ASP C 4 -24.49 -13.18 -0.31
N PRO C 5 -23.41 -12.93 -1.06
CA PRO C 5 -22.83 -11.58 -1.04
C PRO C 5 -23.82 -10.47 -1.34
N LYS C 6 -24.90 -10.78 -2.05
CA LYS C 6 -25.92 -9.77 -2.30
C LYS C 6 -26.49 -9.22 -0.99
N ASP C 7 -26.49 -10.04 0.06
CA ASP C 7 -26.98 -9.62 1.37
C ASP C 7 -26.02 -8.71 2.10
N LEU C 8 -24.84 -8.43 1.55
CA LEU C 8 -23.82 -7.63 2.20
C LEU C 8 -23.70 -6.27 1.53
N THR C 9 -23.32 -5.26 2.32
CA THR C 9 -23.09 -3.91 1.82
C THR C 9 -21.88 -3.33 2.54
N PHE C 10 -20.85 -2.97 1.78
CA PHE C 10 -19.64 -2.40 2.36
C PHE C 10 -19.86 -0.92 2.64
N LEU C 11 -19.48 -0.48 3.84
CA LEU C 11 -19.70 0.90 4.28
C LEU C 11 -18.43 1.63 4.69
N LYS C 12 -17.44 0.94 5.25
CA LYS C 12 -16.27 1.62 5.78
C LYS C 12 -15.13 0.62 5.89
N GLU C 13 -13.95 1.03 5.42
CA GLU C 13 -12.74 0.23 5.57
C GLU C 13 -12.24 0.36 7.01
N LEU C 14 -12.18 -0.75 7.73
CA LEU C 14 -11.70 -0.73 9.11
C LEU C 14 -10.19 -0.84 9.21
N GLY C 15 -9.52 -1.28 8.15
CA GLY C 15 -8.08 -1.43 8.12
C GLY C 15 -7.70 -2.79 7.57
N THR C 16 -6.39 -3.05 7.59
CA THR C 16 -5.86 -4.34 7.14
C THR C 16 -5.21 -5.02 8.34
N GLY C 17 -5.65 -6.23 8.63
CA GLY C 17 -5.14 -6.99 9.74
C GLY C 17 -4.11 -8.00 9.33
N GLN C 18 -3.83 -8.94 10.24
CA GLN C 18 -2.85 -9.99 9.96
C GLN C 18 -3.29 -10.87 8.80
N PHE C 19 -4.60 -11.02 8.59
CA PHE C 19 -5.14 -11.99 7.65
C PHE C 19 -5.83 -11.34 6.46
N GLY C 20 -5.72 -10.02 6.30
CA GLY C 20 -6.23 -9.34 5.13
C GLY C 20 -7.08 -8.14 5.51
N VAL C 21 -7.83 -7.66 4.53
CA VAL C 21 -8.64 -6.46 4.70
C VAL C 21 -9.92 -6.80 5.45
N VAL C 22 -10.29 -5.92 6.38
CA VAL C 22 -11.54 -6.03 7.11
C VAL C 22 -12.34 -4.76 6.87
N LYS C 23 -13.63 -4.91 6.60
CA LYS C 23 -14.50 -3.78 6.34
C LYS C 23 -15.72 -3.83 7.26
N TYR C 24 -16.34 -2.68 7.43
CA TYR C 24 -17.61 -2.56 8.15
C TYR C 24 -18.76 -2.52 7.15
N GLY C 25 -19.83 -3.22 7.47
CA GLY C 25 -20.97 -3.29 6.58
C GLY C 25 -22.23 -3.69 7.31
N LYS C 26 -23.25 -4.02 6.54
CA LYS C 26 -24.53 -4.45 7.07
C LYS C 26 -24.99 -5.70 6.34
N TRP C 27 -25.32 -6.75 7.10
CA TRP C 27 -25.90 -7.98 6.56
C TRP C 27 -27.41 -7.87 6.67
N ARG C 28 -28.10 -8.04 5.54
CA ARG C 28 -29.55 -7.84 5.42
C ARG C 28 -29.93 -6.37 5.48
N GLY C 29 -28.95 -5.45 5.51
CA GLY C 29 -29.22 -4.04 5.52
C GLY C 29 -29.32 -3.40 6.89
N GLN C 30 -29.26 -4.18 7.97
CA GLN C 30 -29.47 -3.63 9.31
C GLN C 30 -28.60 -4.21 10.41
N TYR C 31 -27.79 -5.25 10.17
CA TYR C 31 -26.97 -5.85 11.20
C TYR C 31 -25.52 -5.43 10.98
N ASP C 32 -25.01 -4.59 11.87
CA ASP C 32 -23.58 -4.26 11.86
C ASP C 32 -22.76 -5.53 11.80
N VAL C 33 -21.97 -5.66 10.73
CA VAL C 33 -21.12 -6.82 10.54
C VAL C 33 -19.76 -6.37 10.07
N ALA C 34 -18.75 -7.18 10.37
CA ALA C 34 -17.42 -7.03 9.80
C ALA C 34 -17.21 -8.14 8.78
N ILE C 35 -16.55 -7.80 7.68
CA ILE C 35 -16.29 -8.73 6.60
C ILE C 35 -14.79 -8.73 6.36
N ARG C 36 -14.12 -9.84 6.70
CA ARG C 36 -12.70 -10.00 6.45
C ARG C 36 -12.50 -10.57 5.06
N MET C 37 -11.72 -9.87 4.24
CA MET C 37 -11.29 -10.38 2.93
C MET C 37 -9.99 -11.16 3.14
N ILE C 38 -10.09 -12.49 3.17
CA ILE C 38 -8.92 -13.34 3.32
C ILE C 38 -7.92 -12.99 2.22
N ARG C 39 -6.79 -12.40 2.61
CA ARG C 39 -5.74 -12.06 1.66
C ARG C 39 -5.36 -13.27 0.82
N GLU C 40 -5.47 -13.13 -0.49
CA GLU C 40 -5.26 -14.27 -1.38
C GLU C 40 -3.82 -14.75 -1.31
N GLY C 41 -3.63 -16.03 -1.59
CA GLY C 41 -2.31 -16.63 -1.53
C GLY C 41 -1.71 -16.63 -0.15
N SER C 42 -2.53 -16.78 0.89
CA SER C 42 -2.07 -16.75 2.27
C SER C 42 -2.42 -18.01 3.06
N MET C 43 -3.46 -18.74 2.67
CA MET C 43 -3.95 -19.88 3.42
C MET C 43 -4.09 -21.09 2.50
N SER C 44 -4.06 -22.28 3.11
CA SER C 44 -4.46 -23.50 2.43
C SER C 44 -5.98 -23.50 2.30
N GLU C 45 -6.49 -22.89 1.23
CA GLU C 45 -7.91 -22.54 1.17
C GLU C 45 -8.80 -23.74 1.40
N ASP C 46 -8.42 -24.92 0.90
CA ASP C 46 -9.30 -26.08 1.02
C ASP C 46 -9.32 -26.61 2.45
N GLU C 47 -8.15 -26.73 3.07
CA GLU C 47 -8.10 -27.09 4.49
C GLU C 47 -8.81 -26.05 5.34
N PHE C 48 -8.47 -24.77 5.13
CA PHE C 48 -9.01 -23.70 5.96
C PHE C 48 -10.52 -23.56 5.79
N ILE C 49 -11.05 -23.88 4.60
CA ILE C 49 -12.49 -23.78 4.38
C ILE C 49 -13.22 -24.88 5.14
N GLU C 50 -12.59 -26.03 5.35
CA GLU C 50 -13.24 -27.09 6.10
C GLU C 50 -13.22 -26.79 7.60
N GLU C 51 -12.08 -26.35 8.13
CA GLU C 51 -12.02 -25.98 9.54
C GLU C 51 -12.98 -24.84 9.85
N ALA C 52 -13.29 -24.00 8.85
CA ALA C 52 -14.19 -22.88 9.07
C ALA C 52 -15.56 -23.36 9.54
N LYS C 53 -16.08 -24.42 8.94
CA LYS C 53 -17.38 -24.93 9.34
C LYS C 53 -17.35 -25.51 10.75
N VAL C 54 -16.18 -25.99 11.18
CA VAL C 54 -16.04 -26.48 12.55
C VAL C 54 -16.07 -25.31 13.53
N MET C 55 -15.31 -24.25 13.23
CA MET C 55 -15.31 -23.07 14.09
C MET C 55 -16.64 -22.33 14.05
N MET C 56 -17.45 -22.53 13.01
CA MET C 56 -18.77 -21.91 12.97
C MET C 56 -19.62 -22.38 14.14
N ASN C 57 -19.55 -23.67 14.47
CA ASN C 57 -20.40 -24.22 15.52
C ASN C 57 -20.06 -23.63 16.88
N LEU C 58 -18.80 -23.25 17.10
CA LEU C 58 -18.42 -22.62 18.36
C LEU C 58 -19.19 -21.32 18.57
N SER C 59 -19.77 -21.18 19.76
CA SER C 59 -20.51 -19.97 20.10
C SER C 59 -20.38 -19.70 21.58
N HIS C 60 -20.00 -18.48 21.92
CA HIS C 60 -19.89 -18.05 23.32
C HIS C 60 -20.01 -16.53 23.34
N GLU C 61 -20.58 -16.02 24.43
CA GLU C 61 -20.76 -14.58 24.56
C GLU C 61 -19.44 -13.84 24.39
N LYS C 62 -18.35 -14.43 24.87
CA LYS C 62 -17.03 -13.81 24.84
C LYS C 62 -16.21 -14.21 23.62
N LEU C 63 -16.77 -14.99 22.70
CA LEU C 63 -16.14 -15.28 21.42
C LEU C 63 -16.82 -14.44 20.34
N VAL C 64 -16.02 -13.74 19.53
CA VAL C 64 -16.54 -12.93 18.44
C VAL C 64 -17.34 -13.83 17.51
N GLN C 65 -18.65 -13.62 17.45
CA GLN C 65 -19.54 -14.53 16.74
C GLN C 65 -19.20 -14.57 15.24
N LEU C 66 -19.28 -15.76 14.66
CA LEU C 66 -19.02 -16.00 13.25
C LEU C 66 -20.35 -16.25 12.56
N TYR C 67 -20.82 -15.28 11.78
CA TYR C 67 -22.13 -15.40 11.17
C TYR C 67 -22.12 -16.25 9.91
N GLY C 68 -21.00 -16.34 9.22
CA GLY C 68 -20.95 -17.12 8.00
C GLY C 68 -19.73 -16.76 7.15
N VAL C 69 -19.75 -17.27 5.92
CA VAL C 69 -18.64 -17.15 4.99
C VAL C 69 -19.19 -17.04 3.56
N CYS C 70 -18.33 -16.61 2.65
CA CYS C 70 -18.61 -16.64 1.21
C CYS C 70 -17.41 -17.30 0.53
N THR C 71 -17.58 -18.54 0.07
CA THR C 71 -16.48 -19.36 -0.42
C THR C 71 -16.59 -19.68 -1.90
N LYS C 72 -17.59 -19.17 -2.61
CA LYS C 72 -17.74 -19.43 -4.03
C LYS C 72 -17.28 -18.24 -4.87
N GLN C 73 -16.41 -17.40 -4.32
CA GLN C 73 -15.85 -16.26 -5.04
C GLN C 73 -14.75 -15.63 -4.21
N ARG C 74 -13.57 -15.41 -4.81
CA ARG C 74 -12.42 -14.97 -4.04
C ARG C 74 -12.24 -13.46 -4.13
N PRO C 75 -11.65 -12.83 -3.11
CA PRO C 75 -11.13 -13.42 -1.87
C PRO C 75 -12.24 -13.94 -0.96
N ILE C 76 -11.94 -14.96 -0.15
CA ILE C 76 -12.92 -15.49 0.79
C ILE C 76 -13.40 -14.36 1.70
N PHE C 77 -14.71 -14.36 1.97
CA PHE C 77 -15.30 -13.43 2.93
C PHE C 77 -15.57 -14.15 4.24
N ILE C 78 -15.35 -13.45 5.34
CA ILE C 78 -15.64 -13.95 6.67
C ILE C 78 -16.51 -12.89 7.34
N ILE C 79 -17.78 -13.22 7.57
CA ILE C 79 -18.75 -12.29 8.15
C ILE C 79 -18.86 -12.60 9.64
N THR C 80 -18.60 -11.59 10.47
CA THR C 80 -18.51 -11.81 11.91
C THR C 80 -19.17 -10.64 12.65
N GLU C 81 -19.25 -10.79 13.97
CA GLU C 81 -19.78 -9.74 14.82
C GLU C 81 -18.93 -8.48 14.69
N TYR C 82 -19.59 -7.33 14.59
CA TYR C 82 -18.90 -6.05 14.55
C TYR C 82 -18.52 -5.62 15.96
N MET C 83 -17.31 -5.08 16.09
CA MET C 83 -16.76 -4.67 17.38
C MET C 83 -16.31 -3.22 17.26
N ALA C 84 -17.12 -2.30 17.78
CA ALA C 84 -16.90 -0.88 17.55
C ALA C 84 -15.50 -0.44 17.97
N ASN C 85 -15.13 -0.74 19.22
CA ASN C 85 -13.84 -0.32 19.74
C ASN C 85 -12.68 -1.13 19.21
N GLY C 86 -12.96 -2.20 18.47
CA GLY C 86 -11.94 -2.91 17.72
C GLY C 86 -10.83 -3.50 18.58
N CYS C 87 -9.63 -3.49 18.02
CA CYS C 87 -8.48 -4.15 18.62
C CYS C 87 -8.33 -3.78 20.09
N LEU C 88 -8.15 -4.81 20.93
CA LEU C 88 -7.94 -4.56 22.35
C LEU C 88 -6.63 -3.82 22.59
N LEU C 89 -5.55 -4.25 21.93
CA LEU C 89 -4.26 -3.61 22.12
C LEU C 89 -4.34 -2.11 21.87
N ASN C 90 -5.06 -1.70 20.82
CA ASN C 90 -5.23 -0.28 20.55
C ASN C 90 -6.14 0.38 21.58
N TYR C 91 -7.24 -0.30 21.94
CA TYR C 91 -8.17 0.24 22.92
C TYR C 91 -7.49 0.51 24.27
N LEU C 92 -6.40 -0.20 24.57
CA LEU C 92 -5.69 0.02 25.82
C LEU C 92 -4.77 1.22 25.76
N ARG C 93 -4.18 1.50 24.59
CA ARG C 93 -3.26 2.63 24.49
C ARG C 93 -4.01 3.95 24.29
N GLU C 94 -5.02 3.96 23.42
CA GLU C 94 -5.77 5.20 23.19
C GLU C 94 -6.48 5.64 24.46
N MET C 95 -7.05 4.70 25.20
CA MET C 95 -7.83 4.99 26.41
C MET C 95 -7.04 4.70 27.69
N ARG C 96 -5.72 4.77 27.62
CA ARG C 96 -4.88 4.36 28.75
C ARG C 96 -5.31 5.03 30.06
N HIS C 97 -5.33 6.36 30.10
CA HIS C 97 -5.57 7.10 31.33
C HIS C 97 -7.05 7.29 31.65
N ARG C 98 -7.92 6.39 31.18
CA ARG C 98 -9.32 6.42 31.55
C ARG C 98 -9.77 5.14 32.23
N PHE C 99 -8.88 4.16 32.37
CA PHE C 99 -9.24 2.87 32.95
C PHE C 99 -9.09 2.89 34.47
N GLN C 100 -9.93 2.10 35.13
CA GLN C 100 -9.81 1.81 36.54
C GLN C 100 -9.39 0.35 36.71
N THR C 101 -8.63 0.08 37.78
CA THR C 101 -8.17 -1.28 38.00
C THR C 101 -9.34 -2.27 38.07
N GLN C 102 -10.52 -1.80 38.48
CA GLN C 102 -11.70 -2.66 38.46
C GLN C 102 -12.03 -3.09 37.04
N GLN C 103 -11.98 -2.16 36.09
CA GLN C 103 -12.29 -2.50 34.71
C GLN C 103 -11.22 -3.42 34.13
N LEU C 104 -9.95 -3.19 34.46
CA LEU C 104 -8.88 -4.01 33.91
C LEU C 104 -9.11 -5.48 34.17
N LEU C 105 -9.61 -5.82 35.37
CA LEU C 105 -9.83 -7.22 35.70
C LEU C 105 -11.04 -7.79 34.97
N GLU C 106 -12.05 -6.95 34.72
CA GLU C 106 -13.19 -7.38 33.92
C GLU C 106 -12.74 -7.89 32.56
N MET C 107 -11.82 -7.17 31.92
CA MET C 107 -11.28 -7.63 30.65
C MET C 107 -10.64 -9.00 30.78
N CYS C 108 -9.89 -9.22 31.87
CA CYS C 108 -9.28 -10.53 32.09
C CYS C 108 -10.35 -11.61 32.25
N LYS C 109 -11.45 -11.29 32.96
CA LYS C 109 -12.55 -12.24 33.06
C LYS C 109 -13.08 -12.58 31.68
N ASP C 110 -13.41 -11.55 30.90
CA ASP C 110 -13.97 -11.77 29.57
C ASP C 110 -13.13 -12.75 28.77
N VAL C 111 -11.82 -12.49 28.69
CA VAL C 111 -10.93 -13.35 27.93
C VAL C 111 -10.89 -14.74 28.55
N CYS C 112 -10.70 -14.81 29.87
CA CYS C 112 -10.58 -16.11 30.53
C CYS C 112 -11.87 -16.91 30.44
N GLU C 113 -13.03 -16.24 30.38
CA GLU C 113 -14.28 -16.94 30.12
C GLU C 113 -14.28 -17.52 28.72
N ALA C 114 -13.79 -16.77 27.73
CA ALA C 114 -13.73 -17.29 26.37
C ALA C 114 -12.75 -18.44 26.26
N MET C 115 -11.59 -18.32 26.90
CA MET C 115 -10.59 -19.37 26.79
C MET C 115 -11.00 -20.62 27.57
N GLU C 116 -11.76 -20.45 28.66
CA GLU C 116 -12.27 -21.62 29.38
C GLU C 116 -13.29 -22.37 28.54
N TYR C 117 -14.11 -21.63 27.77
CA TYR C 117 -15.02 -22.28 26.84
C TYR C 117 -14.25 -23.07 25.79
N LEU C 118 -13.33 -22.40 25.07
CA LEU C 118 -12.51 -23.10 24.10
C LEU C 118 -11.82 -24.30 24.73
N GLU C 119 -11.29 -24.13 25.93
CA GLU C 119 -10.66 -25.25 26.63
C GLU C 119 -11.61 -26.43 26.74
N SER C 120 -12.87 -26.17 27.13
CA SER C 120 -13.85 -27.23 27.28
C SER C 120 -14.15 -27.92 25.96
N LYS C 121 -13.91 -27.25 24.83
CA LYS C 121 -14.11 -27.85 23.51
C LYS C 121 -12.81 -28.42 22.94
N GLN C 122 -11.72 -28.41 23.70
CA GLN C 122 -10.44 -28.90 23.23
C GLN C 122 -10.05 -28.22 21.92
N PHE C 123 -10.33 -26.92 21.83
CA PHE C 123 -9.97 -26.11 20.66
C PHE C 123 -8.89 -25.12 21.07
N LEU C 124 -7.80 -25.09 20.30
CA LEU C 124 -6.65 -24.25 20.61
C LEU C 124 -6.71 -22.95 19.83
N HIS C 125 -6.19 -21.89 20.46
CA HIS C 125 -6.09 -20.58 19.82
C HIS C 125 -4.77 -20.42 19.07
N ARG C 126 -3.66 -20.75 19.74
CA ARG C 126 -2.34 -20.86 19.13
C ARG C 126 -1.65 -19.51 18.99
N ASP C 127 -2.40 -18.42 19.07
CA ASP C 127 -1.80 -17.09 18.95
C ASP C 127 -2.59 -16.08 19.78
N LEU C 128 -2.89 -16.44 21.02
CA LEU C 128 -3.63 -15.53 21.90
C LEU C 128 -2.77 -14.32 22.23
N ALA C 129 -3.35 -13.13 22.10
CA ALA C 129 -2.64 -11.89 22.39
C ALA C 129 -3.63 -10.73 22.34
N ALA C 130 -3.23 -9.62 22.98
CA ALA C 130 -4.09 -8.45 23.01
C ALA C 130 -4.48 -7.98 21.61
N ARG C 131 -3.54 -8.07 20.66
CA ARG C 131 -3.84 -7.64 19.30
C ARG C 131 -4.95 -8.46 18.66
N ASN C 132 -5.24 -9.66 19.18
CA ASN C 132 -6.25 -10.54 18.59
C ASN C 132 -7.59 -10.48 19.29
N CYS C 133 -7.69 -9.78 20.41
CA CYS C 133 -8.96 -9.56 21.07
C CYS C 133 -9.60 -8.28 20.55
N LEU C 134 -10.92 -8.21 20.66
CA LEU C 134 -11.71 -7.11 20.14
C LEU C 134 -12.66 -6.59 21.21
N VAL C 135 -13.01 -5.31 21.10
CA VAL C 135 -13.80 -4.61 22.10
C VAL C 135 -15.06 -4.06 21.44
N ASN C 136 -16.22 -4.34 22.03
CA ASN C 136 -17.49 -3.89 21.48
C ASN C 136 -17.80 -2.49 22.01
N ASP C 137 -18.99 -1.98 21.69
CA ASP C 137 -19.39 -0.65 22.15
C ASP C 137 -19.50 -0.59 23.67
N GLN C 138 -19.93 -1.69 24.29
CA GLN C 138 -20.17 -1.73 25.73
C GLN C 138 -18.88 -1.87 26.55
N GLY C 139 -17.71 -1.83 25.92
CA GLY C 139 -16.47 -2.07 26.64
C GLY C 139 -16.20 -3.52 26.97
N VAL C 140 -16.97 -4.44 26.42
CA VAL C 140 -16.71 -5.86 26.62
C VAL C 140 -15.59 -6.29 25.68
N VAL C 141 -14.78 -7.25 26.14
CA VAL C 141 -13.67 -7.80 25.36
C VAL C 141 -14.03 -9.21 24.93
N LYS C 142 -13.64 -9.58 23.71
CA LYS C 142 -13.93 -10.90 23.17
C LYS C 142 -12.74 -11.40 22.37
N VAL C 143 -12.54 -12.72 22.43
CA VAL C 143 -11.42 -13.35 21.73
C VAL C 143 -11.82 -13.60 20.28
N SER C 144 -10.83 -13.53 19.39
CA SER C 144 -11.06 -13.75 17.98
C SER C 144 -9.80 -14.33 17.36
N ASP C 145 -9.92 -14.76 16.10
CA ASP C 145 -8.80 -15.31 15.34
C ASP C 145 -8.25 -16.57 15.99
N PHE C 146 -9.12 -17.32 16.65
CA PHE C 146 -8.73 -18.59 17.25
C PHE C 146 -8.61 -19.65 16.16
N GLY C 147 -7.47 -20.34 16.14
CA GLY C 147 -7.26 -21.38 15.15
C GLY C 147 -7.02 -20.89 13.75
N MET C 148 -6.59 -19.64 13.59
CA MET C 148 -6.37 -19.08 12.26
C MET C 148 -4.97 -19.35 11.73
N THR C 149 -3.96 -19.37 12.60
CA THR C 149 -2.59 -19.64 12.19
C THR C 149 -2.37 -21.08 11.76
N ARG C 150 -3.39 -21.94 11.88
CA ARG C 150 -3.19 -23.36 11.61
C ARG C 150 -2.85 -23.60 10.15
N TYR C 151 -3.46 -22.86 9.24
CA TYR C 151 -3.31 -23.09 7.80
C TYR C 151 -2.66 -21.89 7.11
N VAL C 152 -1.82 -21.16 7.83
CA VAL C 152 -1.07 -20.07 7.22
C VAL C 152 0.05 -20.65 6.38
N LEU C 153 0.19 -20.15 5.15
CA LEU C 153 1.24 -20.64 4.27
C LEU C 153 2.61 -20.13 4.71
N ASP C 154 2.72 -18.82 4.94
CA ASP C 154 4.00 -18.17 5.20
C ASP C 154 4.76 -18.86 6.32
N ASP C 155 5.88 -19.52 5.99
CA ASP C 155 6.66 -20.21 6.99
C ASP C 155 7.22 -19.27 8.04
N GLU C 156 7.26 -17.97 7.77
CA GLU C 156 7.76 -17.01 8.76
C GLU C 156 6.83 -16.90 9.95
N TYR C 157 5.53 -17.11 9.76
CA TYR C 157 4.58 -17.07 10.87
C TYR C 157 4.55 -18.35 11.67
N THR C 158 5.09 -19.45 11.12
CA THR C 158 4.88 -20.78 11.68
C THR C 158 6.11 -21.35 12.38
N SER C 159 7.30 -21.08 11.87
CA SER C 159 8.51 -21.57 12.52
C SER C 159 8.78 -20.79 13.80
N SER C 160 9.38 -21.48 14.78
CA SER C 160 9.72 -20.82 16.04
C SER C 160 10.81 -19.78 15.87
N THR C 161 11.65 -19.90 14.84
CA THR C 161 12.67 -18.90 14.54
C THR C 161 12.23 -17.94 13.45
N GLY C 162 10.95 -17.97 13.07
CA GLY C 162 10.47 -17.07 12.04
C GLY C 162 10.49 -15.62 12.48
N SER C 163 10.59 -14.72 11.50
CA SER C 163 10.63 -13.30 11.78
C SER C 163 9.30 -12.73 12.24
N LYS C 164 8.22 -13.54 12.17
CA LYS C 164 6.90 -13.08 12.58
C LYS C 164 6.26 -14.00 13.62
N PHE C 165 6.99 -14.96 14.14
CA PHE C 165 6.40 -15.88 15.11
C PHE C 165 6.20 -15.15 16.43
N PRO C 166 5.06 -15.37 17.11
CA PRO C 166 4.81 -14.67 18.38
C PRO C 166 5.64 -15.20 19.53
N VAL C 167 6.97 -15.04 19.44
CA VAL C 167 7.86 -15.55 20.48
C VAL C 167 7.49 -15.00 21.84
N LYS C 168 7.12 -13.71 21.91
CA LYS C 168 6.93 -13.07 23.20
C LYS C 168 5.68 -13.56 23.93
N TRP C 169 4.82 -14.32 23.25
CA TRP C 169 3.67 -14.97 23.89
C TRP C 169 3.82 -16.48 23.97
N ALA C 170 4.92 -17.03 23.44
CA ALA C 170 5.07 -18.47 23.27
C ALA C 170 5.69 -19.12 24.50
N SER C 171 5.20 -20.31 24.81
CA SER C 171 5.72 -21.09 25.93
C SER C 171 6.99 -21.82 25.52
N PRO C 172 7.81 -22.22 26.49
CA PRO C 172 9.05 -22.94 26.13
C PRO C 172 8.82 -24.13 25.22
N GLU C 173 7.83 -24.98 25.50
CA GLU C 173 7.60 -26.14 24.65
C GLU C 173 7.15 -25.75 23.25
N VAL C 174 6.57 -24.57 23.08
CA VAL C 174 6.22 -24.10 21.74
C VAL C 174 7.46 -23.61 21.00
N LEU C 175 8.37 -22.95 21.72
CA LEU C 175 9.60 -22.48 21.11
C LEU C 175 10.61 -23.60 20.87
N MET C 176 10.49 -24.71 21.60
CA MET C 176 11.45 -25.80 21.56
C MET C 176 10.93 -27.02 20.82
N TYR C 177 9.70 -27.44 21.10
CA TYR C 177 9.11 -28.61 20.46
C TYR C 177 7.87 -28.29 19.63
N SER C 178 7.44 -27.03 19.58
CA SER C 178 6.22 -26.65 18.87
C SER C 178 5.02 -27.44 19.38
N LYS C 179 5.01 -27.70 20.70
CA LYS C 179 3.95 -28.48 21.33
C LYS C 179 2.85 -27.53 21.78
N PHE C 180 1.85 -27.35 20.93
CA PHE C 180 0.72 -26.48 21.24
C PHE C 180 -0.33 -27.25 22.03
N SER C 181 -0.75 -26.67 23.16
CA SER C 181 -1.80 -27.22 23.99
C SER C 181 -2.55 -26.08 24.64
N SER C 182 -3.59 -26.41 25.41
CA SER C 182 -4.26 -25.39 26.20
C SER C 182 -3.31 -24.76 27.21
N LYS C 183 -2.35 -25.54 27.72
CA LYS C 183 -1.36 -24.97 28.63
C LYS C 183 -0.47 -23.96 27.94
N SER C 184 -0.25 -24.11 26.63
CA SER C 184 0.46 -23.07 25.88
C SER C 184 -0.45 -21.87 25.61
N ASP C 185 -1.75 -22.10 25.40
CA ASP C 185 -2.69 -20.98 25.36
C ASP C 185 -2.73 -20.25 26.70
N ILE C 186 -2.51 -20.97 27.81
CA ILE C 186 -2.54 -20.34 29.11
C ILE C 186 -1.30 -19.46 29.32
N TRP C 187 -0.13 -19.94 28.87
CA TRP C 187 1.07 -19.11 28.94
C TRP C 187 0.84 -17.77 28.25
N ALA C 188 0.20 -17.80 27.07
CA ALA C 188 -0.10 -16.55 26.37
C ALA C 188 -1.09 -15.70 27.15
N PHE C 189 -2.09 -16.32 27.76
CA PHE C 189 -3.07 -15.57 28.54
C PHE C 189 -2.40 -14.77 29.64
N GLY C 190 -1.40 -15.36 30.31
CA GLY C 190 -0.64 -14.59 31.29
C GLY C 190 -0.04 -13.34 30.69
N VAL C 191 0.64 -13.49 29.55
CA VAL C 191 1.20 -12.32 28.86
C VAL C 191 0.10 -11.33 28.51
N LEU C 192 -1.04 -11.84 28.04
CA LEU C 192 -2.17 -10.97 27.74
C LEU C 192 -2.61 -10.19 28.97
N MET C 193 -2.72 -10.87 30.12
CA MET C 193 -2.99 -10.17 31.37
C MET C 193 -1.95 -9.09 31.63
N TRP C 194 -0.68 -9.40 31.36
CA TRP C 194 0.37 -8.40 31.51
C TRP C 194 0.14 -7.21 30.59
N GLU C 195 -0.28 -7.49 29.35
CA GLU C 195 -0.59 -6.41 28.42
C GLU C 195 -1.73 -5.56 28.96
N ILE C 196 -2.76 -6.19 29.51
CA ILE C 196 -3.93 -5.45 29.96
C ILE C 196 -3.57 -4.54 31.13
N TYR C 197 -2.86 -5.08 32.12
CA TYR C 197 -2.53 -4.29 33.30
C TYR C 197 -1.38 -3.32 33.04
N SER C 198 -0.62 -3.53 31.97
CA SER C 198 0.39 -2.57 31.53
C SER C 198 -0.16 -1.52 30.58
N LEU C 199 -1.45 -1.60 30.23
CA LEU C 199 -2.10 -0.62 29.36
C LEU C 199 -1.45 -0.59 27.97
N GLY C 200 -1.20 -1.78 27.41
CA GLY C 200 -0.76 -1.90 26.03
C GLY C 200 0.73 -1.86 25.80
N LYS C 201 1.54 -1.80 26.85
CA LYS C 201 2.99 -1.84 26.66
C LYS C 201 3.38 -3.16 26.01
N MET C 202 4.50 -3.12 25.28
CA MET C 202 4.99 -4.32 24.62
C MET C 202 5.75 -5.18 25.64
N PRO C 203 5.53 -6.49 25.67
CA PRO C 203 6.32 -7.34 26.58
C PRO C 203 7.72 -7.54 26.04
N TYR C 204 8.69 -7.59 26.94
CA TYR C 204 10.10 -7.75 26.59
C TYR C 204 10.49 -6.78 25.47
N GLU C 205 10.07 -5.52 25.61
CA GLU C 205 10.22 -4.57 24.51
C GLU C 205 11.66 -4.49 24.03
N ARG C 206 12.60 -4.25 24.94
CA ARG C 206 14.02 -4.10 24.60
C ARG C 206 14.75 -5.43 24.56
N PHE C 207 14.05 -6.52 24.31
CA PHE C 207 14.62 -7.82 23.98
C PHE C 207 14.34 -8.14 22.52
N THR C 208 15.29 -8.81 21.87
CA THR C 208 15.00 -9.43 20.58
C THR C 208 14.26 -10.74 20.79
N ASN C 209 13.66 -11.25 19.72
CA ASN C 209 12.92 -12.51 19.83
C ASN C 209 13.82 -13.63 20.29
N SER C 210 15.06 -13.69 19.78
CA SER C 210 16.00 -14.70 20.23
C SER C 210 16.38 -14.48 21.68
N GLU C 211 16.75 -13.26 22.04
CA GLU C 211 17.08 -12.93 23.42
C GLU C 211 15.92 -13.32 24.36
N THR C 212 14.70 -12.92 24.01
CA THR C 212 13.55 -13.29 24.82
C THR C 212 13.46 -14.80 24.98
N ALA C 213 13.58 -15.54 23.87
CA ALA C 213 13.43 -16.99 23.92
C ALA C 213 14.39 -17.60 24.94
N GLU C 214 15.66 -17.19 24.90
CA GLU C 214 16.65 -17.77 25.80
C GLU C 214 16.37 -17.38 27.24
N HIS C 215 16.18 -16.07 27.49
CA HIS C 215 15.90 -15.63 28.85
C HIS C 215 14.66 -16.31 29.42
N ILE C 216 13.67 -16.60 28.57
CA ILE C 216 12.49 -17.31 29.04
C ILE C 216 12.86 -18.69 29.54
N ALA C 217 13.61 -19.44 28.73
CA ALA C 217 13.98 -20.79 29.10
C ALA C 217 14.74 -20.82 30.42
N GLN C 218 15.49 -19.76 30.72
CA GLN C 218 16.37 -19.72 31.88
C GLN C 218 15.73 -19.06 33.09
N GLY C 219 14.46 -18.66 33.00
CA GLY C 219 13.71 -18.21 34.16
C GLY C 219 13.15 -16.82 34.08
N LEU C 220 13.50 -16.02 33.09
CA LEU C 220 13.01 -14.65 33.03
C LEU C 220 11.49 -14.64 32.87
N ARG C 221 10.83 -13.76 33.62
CA ARG C 221 9.40 -13.53 33.51
C ARG C 221 9.13 -12.04 33.50
N LEU C 222 7.94 -11.67 33.03
CA LEU C 222 7.59 -10.26 32.95
C LEU C 222 7.40 -9.69 34.35
N PRO C 223 7.69 -8.41 34.55
CA PRO C 223 7.55 -7.81 35.88
C PRO C 223 6.12 -7.42 36.17
N ARG C 224 5.84 -7.27 37.46
CA ARG C 224 4.51 -6.88 37.90
C ARG C 224 4.17 -5.50 37.34
N PRO C 225 3.15 -5.37 36.50
CA PRO C 225 2.73 -4.03 36.06
C PRO C 225 2.30 -3.18 37.24
N HIS C 226 2.49 -1.86 37.10
CA HIS C 226 2.25 -0.96 38.22
C HIS C 226 0.83 -1.13 38.76
N LEU C 227 -0.16 -1.20 37.86
CA LEU C 227 -1.55 -1.26 38.29
C LEU C 227 -1.93 -2.62 38.86
N ALA C 228 -1.22 -3.67 38.47
CA ALA C 228 -1.54 -4.99 38.96
C ALA C 228 -1.25 -5.09 40.45
N SER C 229 -2.22 -5.62 41.20
CA SER C 229 -2.00 -5.91 42.60
C SER C 229 -1.12 -7.15 42.73
N GLU C 230 -0.68 -7.44 43.96
CA GLU C 230 0.14 -8.62 44.15
C GLU C 230 -0.66 -9.89 43.92
N ARG C 231 -1.97 -9.85 44.16
CA ARG C 231 -2.80 -11.02 43.91
C ARG C 231 -3.20 -11.11 42.44
N VAL C 232 -3.30 -9.97 41.76
CA VAL C 232 -3.47 -9.98 40.31
C VAL C 232 -2.22 -10.52 39.63
N TYR C 233 -1.04 -10.10 40.12
CA TYR C 233 0.20 -10.57 39.52
C TYR C 233 0.41 -12.06 39.77
N THR C 234 -0.08 -12.57 40.90
CA THR C 234 0.07 -13.99 41.19
C THR C 234 -0.65 -14.83 40.15
N ILE C 235 -1.79 -14.36 39.65
CA ILE C 235 -2.57 -15.14 38.71
C ILE C 235 -1.85 -15.22 37.36
N MET C 236 -1.46 -14.08 36.81
CA MET C 236 -0.76 -14.10 35.52
C MET C 236 0.58 -14.80 35.65
N TYR C 237 1.24 -14.66 36.81
CA TYR C 237 2.50 -15.36 37.02
C TYR C 237 2.29 -16.87 37.03
N SER C 238 1.16 -17.32 37.57
CA SER C 238 0.87 -18.75 37.61
C SER C 238 0.78 -19.35 36.21
N CYS C 239 0.51 -18.52 35.20
CA CYS C 239 0.43 -19.00 33.82
C CYS C 239 1.80 -19.30 33.23
N TRP C 240 2.88 -18.94 33.91
CA TRP C 240 4.22 -19.04 33.34
C TRP C 240 5.08 -20.08 34.05
N HIS C 241 4.45 -21.11 34.60
CA HIS C 241 5.21 -22.26 35.09
C HIS C 241 5.97 -22.89 33.93
N GLU C 242 7.26 -23.14 34.12
CA GLU C 242 8.06 -23.74 33.06
C GLU C 242 7.46 -25.07 32.61
N LYS C 243 6.98 -25.87 33.56
CA LYS C 243 6.34 -27.14 33.24
C LYS C 243 4.87 -26.90 32.96
N ALA C 244 4.45 -27.16 31.71
CA ALA C 244 3.07 -26.92 31.32
C ALA C 244 2.07 -27.53 32.30
N ASP C 245 2.42 -28.68 32.88
CA ASP C 245 1.50 -29.35 33.80
C ASP C 245 1.22 -28.53 35.04
N GLU C 246 2.22 -27.79 35.53
CA GLU C 246 2.05 -26.98 36.73
C GLU C 246 1.19 -25.75 36.49
N ARG C 247 0.96 -25.37 35.23
CA ARG C 247 0.09 -24.26 34.94
C ARG C 247 -1.36 -24.64 35.24
N PRO C 248 -2.15 -23.73 35.80
CA PRO C 248 -3.56 -24.05 36.05
C PRO C 248 -4.40 -23.90 34.79
N SER C 249 -5.47 -24.68 34.73
CA SER C 249 -6.38 -24.59 33.61
C SER C 249 -7.04 -23.21 33.58
N PHE C 250 -7.79 -22.95 32.50
CA PHE C 250 -8.54 -21.71 32.42
C PHE C 250 -9.71 -21.72 33.41
N LYS C 251 -10.33 -22.87 33.63
CA LYS C 251 -11.39 -22.95 34.62
C LYS C 251 -10.89 -22.53 35.99
N ILE C 252 -9.69 -23.00 36.37
CA ILE C 252 -9.10 -22.60 37.64
C ILE C 252 -8.79 -21.11 37.62
N LEU C 253 -8.13 -20.63 36.56
CA LEU C 253 -7.82 -19.22 36.46
C LEU C 253 -9.09 -18.38 36.58
N LEU C 254 -10.16 -18.79 35.91
CA LEU C 254 -11.41 -18.06 36.01
C LEU C 254 -11.87 -17.95 37.46
N SER C 255 -11.76 -19.04 38.20
CA SER C 255 -12.09 -18.99 39.62
C SER C 255 -11.16 -18.03 40.36
N ASN C 256 -9.85 -18.13 40.10
CA ASN C 256 -8.91 -17.21 40.73
C ASN C 256 -9.32 -15.77 40.49
N ILE C 257 -9.74 -15.44 39.27
CA ILE C 257 -10.11 -14.07 38.94
C ILE C 257 -11.32 -13.63 39.75
N LEU C 258 -12.32 -14.49 39.86
CA LEU C 258 -13.54 -14.13 40.59
C LEU C 258 -13.25 -13.87 42.06
N ASP C 259 -12.34 -14.64 42.64
CA ASP C 259 -11.95 -14.40 44.04
C ASP C 259 -11.33 -13.02 44.19
N VAL C 260 -10.43 -12.64 43.27
CA VAL C 260 -9.84 -11.30 43.33
C VAL C 260 -10.92 -10.25 43.16
N MET C 261 -11.87 -10.49 42.24
CA MET C 261 -12.94 -9.53 42.00
C MET C 261 -13.77 -9.33 43.27
N ASP C 262 -14.05 -10.41 44.00
CA ASP C 262 -14.78 -10.29 45.25
C ASP C 262 -13.99 -9.50 46.28
N GLU C 263 -12.72 -9.86 46.47
CA GLU C 263 -11.88 -9.16 47.44
C GLU C 263 -11.86 -7.65 47.17
N GLU C 264 -12.08 -7.25 45.92
CA GLU C 264 -12.15 -5.83 45.57
C GLU C 264 -13.59 -5.33 45.73
N SER C 265 -14.09 -5.43 46.95
CA SER C 265 -15.43 -4.98 47.29
C SER C 265 -15.59 -4.75 48.79
N3 A1BI0 D . 16.68 4.31 6.78
C4 A1BI0 D . 16.90 3.08 7.32
C5 A1BI0 D . 16.16 2.66 8.43
C6 A1BI0 D . 15.22 3.49 8.96
C7 A1BI0 D . 14.40 3.05 10.18
C10 A1BI0 D . 14.37 8.72 6.36
C13 A1BI0 D . 13.53 10.99 6.21
C15 A1BI0 D . 14.96 10.10 4.47
C17 A1BI0 D . 14.13 12.46 4.23
C22 A1BI0 D . 15.91 14.18 5.25
C24 A1BI0 D . 15.81 16.15 4.08
C26 A1BI0 D . 12.77 14.41 1.64
C28 A1BI0 D . 11.44 13.68 1.49
C1 A1BI0 D . 14.99 4.72 8.41
C12 A1BI0 D . 13.60 9.77 6.90
C14 A1BI0 D . 14.21 11.14 5.02
C16 A1BI0 D . 15.05 8.89 5.15
C18 A1BI0 D . 14.91 13.67 4.42
C19 A1BI0 D . 14.43 14.55 3.42
C2 A1BI0 D . 15.73 5.13 7.30
C29 A1BI0 D . 10.65 14.13 0.23
C30 A1BI0 D . 11.52 14.02 -1.05
C32 A1BI0 D . 13.59 14.18 0.37
C33 A1BI0 D . 13.43 15.64 -1.70
C34 A1BI0 D . 12.69 16.15 -2.95
C36 A1BI0 D . 12.24 17.62 -2.89
C37 A1BI0 D . 13.43 17.22 -3.77
C38 A1BI0 D . 13.63 1.74 10.46
C39 A1BI0 D . 14.75 2.12 11.37
C9 A1BI0 D . 14.46 7.37 7.10
N20 A1BI0 D . 13.53 13.88 2.78
N21 A1BI0 D . 13.31 12.67 3.20
N23 A1BI0 D . 16.34 15.42 5.07
N25 A1BI0 D . 14.85 15.80 3.20
N27 A1BI0 D . 16.45 13.35 6.32
N31 A1BI0 D . 12.84 14.61 -0.81
N8 A1BI0 D . 15.52 6.44 6.68
O11 A1BI0 D . 13.68 7.14 7.97
O35 A1BI0 D . 14.50 16.08 -1.45
H4 A1BI0 D . 17.66 2.42 6.90
H5 A1BI0 D . 16.34 1.69 8.87
H7 A1BI0 D . 13.79 3.88 10.54
H13 A1BI0 D . 12.93 11.80 6.60
H15 A1BI0 D . 15.47 10.25 3.54
H24 A1BI0 D . 16.20 17.16 3.97
H26 A1BI0 D . 12.58 15.47 1.79
H28A A1BI0 D . 10.82 13.88 2.37
H28B A1BI0 D . 11.63 12.61 1.43
H1 A1BI0 D . 14.24 5.37 8.84
H12 A1BI0 D . 13.06 9.64 7.84
H16 A1BI0 D . 15.64 8.08 4.74
H29A A1BI0 D . 10.33 15.16 0.36
H29B A1BI0 D . 9.77 13.49 0.11
H30B A1BI0 D . 11.03 14.56 -1.87
H30A A1BI0 D . 11.64 12.98 -1.33
H32B A1BI0 D . 13.82 13.12 0.27
H32A A1BI0 D . 14.52 14.74 0.43
H34 A1BI0 D . 12.04 15.48 -3.52
H36A A1BI0 D . 12.51 18.15 -1.97
H36B A1BI0 D . 11.32 17.86 -3.41
H37A A1BI0 D . 13.23 17.20 -4.84
H37B A1BI0 D . 14.41 17.49 -3.40
H38B A1BI0 D . 13.83 0.91 9.78
H38A A1BI0 D . 12.63 1.86 10.88
H39B A1BI0 D . 14.45 2.48 12.36
H39A A1BI0 D . 15.66 1.54 11.26
H27B A1BI0 D . 16.57 12.36 6.17
H27A A1BI0 D . 16.73 13.76 7.19
H8 A1BI0 D . 16.14 6.72 5.94
N3 A1BI0 E . -5.17 10.21 -20.37
C4 A1BI0 E . -4.45 9.06 -20.30
C5 A1BI0 E . -3.07 9.11 -20.08
C6 A1BI0 E . -2.47 10.31 -19.93
C7 A1BI0 E . -0.94 10.42 -19.68
C10 A1BI0 E . -5.77 15.14 -19.84
C13 A1BI0 E . -6.10 17.51 -20.26
C15 A1BI0 E . -7.98 16.09 -19.78
C17 A1BI0 E . -8.45 18.52 -20.20
C22 A1BI0 E . -8.60 19.25 -22.78
C24 A1BI0 E . -10.07 20.98 -22.98
C26 A1BI0 E . -10.70 20.81 -18.79
C28 A1BI0 E . -10.11 20.89 -17.38
C1 A1BI0 E . -3.18 11.46 -20.00
C12 A1BI0 E . -5.24 16.41 -20.14
C14 A1BI0 E . -7.46 17.34 -20.09
C16 A1BI0 E . -7.15 14.99 -19.67
C18 A1BI0 E . -8.84 19.23 -21.42
C19 A1BI0 E . -9.76 20.20 -20.94
C2 A1BI0 E . -4.55 11.41 -20.22
C29 A1BI0 E . -11.06 21.64 -16.39
C30 A1BI0 E . -12.49 21.03 -16.40
C32 A1BI0 E . -12.06 20.11 -18.69
C33 A1BI0 E . -14.23 21.35 -18.27
C34 A1BI0 E . -15.18 22.12 -17.34
C36 A1BI0 E . -14.98 23.65 -17.34
C37 A1BI0 E . -16.21 23.03 -18.03
C38 A1BI0 E . -0.06 9.71 -18.62
C39 A1BI0 E . 0.23 9.48 -20.08
C9 A1BI0 E . -4.87 13.90 -19.70
N20 A1BI0 E . -9.84 20.01 -19.66
N21 A1BI0 E . -9.10 19.05 -19.17
N23 A1BI0 E . -9.22 20.12 -23.55
N25 A1BI0 E . -10.40 21.09 -21.68
N27 A1BI0 E . -7.67 18.29 -23.36
N31 A1BI0 E . -12.93 20.83 -17.79
N8 A1BI0 E . -5.34 12.65 -20.30
O11 A1BI0 E . -3.83 13.99 -19.12
O35 A1BI0 E . -14.55 21.17 -19.40
H4 A1BI0 E . -4.95 8.10 -20.42
H5 A1BI0 E . -2.50 8.19 -20.03
H7 A1BI0 E . -0.63 11.45 -19.77
H13 A1BI0 E . -5.70 18.50 -20.49
H15 A1BI0 E . -9.06 15.97 -19.64
H24 A1BI0 E . -10.55 21.68 -23.65
H26 A1BI0 E . -10.80 21.81 -19.19
H28A A1BI0 E . -9.16 21.41 -17.42
H28B A1BI0 E . -9.94 19.87 -17.00
H1 A1BI0 E . -2.69 12.42 -19.89
H12 A1BI0 E . -4.17 16.54 -20.28
H16 A1BI0 E . -7.57 14.00 -19.43
H29A A1BI0 E . -11.10 22.68 -16.68
H29B A1BI0 E . -10.65 21.56 -15.39
H30B A1BI0 E . -13.17 21.71 -15.89
H30A A1BI0 E . -12.47 20.07 -15.89
H32B A1BI0 E . -11.92 19.09 -18.33
H32A A1BI0 E . -12.51 20.08 -19.68
H34 A1BI0 E . -15.51 21.69 -16.40
H36A A1BI0 E . -14.20 24.02 -18.01
H36B A1BI0 E . -15.17 24.15 -16.40
H37A A1BI0 E . -17.15 23.16 -17.50
H37B A1BI0 E . -16.18 23.02 -19.12
H38B A1BI0 E . -0.52 8.87 -18.10
H38A A1BI0 E . 0.65 10.35 -18.10
H39B A1BI0 E . 1.12 9.98 -20.46
H39A A1BI0 E . -0.05 8.50 -20.47
H27B A1BI0 E . -7.62 17.35 -23.01
H27A A1BI0 E . -7.07 18.56 -24.12
H8 A1BI0 E . -6.22 12.64 -20.78
N3 A1BI0 F . -11.71 -16.28 14.10
C4 A1BI0 F . -11.81 -17.64 14.05
C5 A1BI0 F . -12.31 -18.28 12.91
C6 A1BI0 F . -12.70 -17.53 11.84
C7 A1BI0 F . -13.27 -18.17 10.55
C10 A1BI0 F . -12.19 -11.70 12.16
C13 A1BI0 F . -12.83 -9.43 11.62
C15 A1BI0 F . -11.21 -9.84 13.36
C17 A1BI0 F . -11.81 -7.46 12.87
C22 A1BI0 F . -14.12 -6.57 13.90
C24 A1BI0 F . -13.93 -4.33 14.33
C26 A1BI0 F . -9.95 -4.48 12.87
C28 A1BI0 F . -9.04 -4.76 11.68
C1 A1BI0 F . -12.61 -16.18 11.89
C12 A1BI0 F . -12.95 -10.80 11.39
C14 A1BI0 F . -11.96 -8.97 12.60
C16 A1BI0 F . -11.32 -11.21 13.15
C18 A1BI0 F . -12.81 -6.56 13.44
C19 A1BI0 F . -12.15 -5.32 13.48
C2 A1BI0 F . -12.10 -15.55 13.03
C29 A1BI0 F . -7.90 -3.70 11.53
C30 A1BI0 F . -7.17 -3.45 12.88
C32 A1BI0 F . -9.10 -4.42 14.14
C33 A1BI0 F . -8.20 -2.15 14.85
C34 A1BI0 F . -7.22 -0.97 14.67
C36 A1BI0 F . -7.73 0.14 13.75
C37 A1BI0 F . -7.66 0.38 15.26
C38 A1BI0 F . -12.72 -19.34 9.68
C39 A1BI0 F . -14.08 -19.48 10.31
C9 A1BI0 F . -12.31 -13.21 11.95
N20 A1BI0 F . -10.97 -5.52 13.00
N21 A1BI0 F . -10.71 -6.75 12.64
N23 A1BI0 F . -14.67 -5.45 14.35
N25 A1BI0 F . -12.66 -4.17 13.91
N27 A1BI0 F . -14.89 -7.81 13.91
N31 A1BI0 F . -8.15 -3.34 13.96
N8 A1BI0 F . -12.01 -14.09 13.08
O11 A1BI0 F . -12.63 -13.61 10.88
O35 A1BI0 F . -9.02 -2.10 15.71
H4 A1BI0 F . -11.49 -18.24 14.91
H5 A1BI0 F . -12.38 -19.37 12.87
H7 A1BI0 F . -13.65 -17.40 9.90
H13 A1BI0 F . -13.42 -8.72 11.03
H15 A1BI0 F . -10.54 -9.46 14.12
H24 A1BI0 F . -14.42 -3.43 14.71
H26 A1BI0 F . -10.46 -3.53 12.73
H28A A1BI0 F . -9.64 -4.74 10.77
H28B A1BI0 F . -8.58 -5.74 11.79
H1 A1BI0 F . -12.93 -15.59 11.04
H12 A1BI0 F . -13.63 -11.17 10.62
H16 A1BI0 F . -10.74 -11.91 13.75
H29A A1BI0 F . -8.34 -2.75 11.19
H29B A1BI0 F . -7.19 -4.04 10.79
H30B A1BI0 F . -6.59 -2.54 12.81
H30A A1BI0 F . -6.51 -4.29 13.08
H32B A1BI0 F . -8.56 -5.37 14.26
H32A A1BI0 F . -9.72 -4.24 15.01
H34 A1BI0 F . -6.15 -1.14 14.70
H36A A1BI0 F . -8.73 -0.01 13.34
H36B A1BI0 F . -6.97 0.65 13.16
H37A A1BI0 F . -6.86 1.03 15.60
H37B A1BI0 F . -8.62 0.37 15.78
H38B A1BI0 F . -11.93 -19.93 10.13
H38A A1BI0 F . -12.72 -19.16 8.61
H39B A1BI0 F . -14.92 -19.39 9.62
H39A A1BI0 F . -14.13 -20.16 11.15
H27B A1BI0 F . -14.42 -8.69 13.98
H27A A1BI0 F . -15.89 -7.78 13.82
H8 A1BI0 F . -11.72 -13.66 13.95
S DMS G . 1.32 -30.23 18.79
O DMS G . 2.06 -29.71 17.58
C1 DMS G . -0.39 -29.69 18.57
C2 DMS G . 1.05 -32.01 18.61
H11 DMS G . -0.78 -30.14 17.81
H12 DMS G . -0.42 -28.73 18.44
H13 DMS G . -0.91 -29.90 19.36
H21 DMS G . 0.70 -32.39 19.43
H22 DMS G . 1.89 -32.44 18.40
H23 DMS G . 0.42 -32.18 17.89
#